data_4TUO
#
_entry.id   4TUO
#
_cell.length_a   58.087
_cell.length_b   61.089
_cell.length_c   65.358
_cell.angle_alpha   107.79
_cell.angle_beta   113.43
_cell.angle_gamma   95.68
#
_symmetry.space_group_name_H-M   'P 1'
#
loop_
_entity.id
_entity.type
_entity.pdbx_description
1 polymer 'Heavy chain of monoclonal antibody against neuroblastoma associated antigen'
2 polymer 'Light chain of monoclonal antibody against neuroblastoma associated antigen'
3 branched 'N-acetyl-alpha-neuraminic acid-(2-8)-N-acetyl-alpha-neuraminic acid-(2-3)-[2-acetamido-2-deoxy-beta-D-galactopyranose-(1-4)]beta-D-galactopyranose-(1-4)-beta-D-glucopyranose'
4 branched 'N-acetyl-alpha-neuraminic acid-(2-8)-N-acetyl-alpha-neuraminic acid-(2-3)-[2-acetamido-2-deoxy-beta-D-galactopyranose-(1-4)]beta-D-galactopyranose-(1-4)-alpha-D-glucopyranose'
5 non-polymer 'SODIUM ION'
6 water water
#
loop_
_entity_poly.entity_id
_entity_poly.type
_entity_poly.pdbx_seq_one_letter_code
_entity_poly.pdbx_strand_id
1 'polypeptide(L)'
;EVQLLQSGPELEKPGASVMISCKASGSSFTGYNMNWVRQNIGKSLEWIGAIDPYYGGTSYNQKFKGRATLTVDKSSSTAY
MHLKSLTSEDSAVYYCVSGMEYWGQGTSVTVSSAKTTAPSVYPLAPVCGDTTGSSVTLGCLVKGYFPEPVTLTWNSGSLS
SGVHTFPAVLQSDLYTLSSSVTVTSSTWPSQSITCNVAHPASSTKVDKKIEPRG
;
A,C
2 'polypeptide(L)'
;DVVMTQTPLSLPVSLGDQASISCRSSQSLVHRNGNTYLHWYLQKPGQSPKLLIHKVSNRFSGVPDRFSGSGSGTDFTLKI
SRVEAEDLGVYFCSQSTHVPPLTFGAGTKLELKRADAAPTVSIFPPSSEQLTSGGASVVCFLNNFYPKDINVKWKIDGSE
RQNGVLNSWTDQDSKDSTYSMSSTLTLTKDEYERHNSYTCEATHKTSTSPIVKSFNRNEC
;
B,D
#
# COMPACT_ATOMS: atom_id res chain seq x y z
N GLU A 1 48.06 6.91 -13.51
CA GLU A 1 46.60 6.74 -13.29
C GLU A 1 45.91 7.71 -14.24
N VAL A 2 44.88 7.25 -14.94
CA VAL A 2 44.06 8.14 -15.78
C VAL A 2 43.11 8.87 -14.85
N GLN A 3 43.07 10.18 -15.03
CA GLN A 3 42.12 10.98 -14.32
C GLN A 3 41.44 11.96 -15.24
N LEU A 4 40.11 12.08 -15.00
CA LEU A 4 39.31 13.04 -15.75
C LEU A 4 38.71 14.04 -14.77
N LEU A 5 39.15 15.29 -14.85
CA LEU A 5 38.67 16.31 -13.88
C LEU A 5 37.70 17.22 -14.56
N GLN A 6 36.44 17.12 -14.16
CA GLN A 6 35.37 17.89 -14.74
C GLN A 6 35.17 19.20 -14.01
N SER A 7 34.61 20.17 -14.68
CA SER A 7 34.23 21.43 -14.09
C SER A 7 33.06 21.32 -13.12
N GLY A 8 32.89 22.39 -12.34
CA GLY A 8 31.94 22.43 -11.27
C GLY A 8 30.47 22.60 -11.66
N PRO A 9 29.61 22.61 -10.65
CA PRO A 9 28.19 22.51 -10.90
C PRO A 9 27.68 23.72 -11.67
N GLU A 10 26.66 23.48 -12.48
CA GLU A 10 26.03 24.57 -13.29
C GLU A 10 24.58 24.79 -12.91
N LEU A 11 24.20 26.07 -12.86
CA LEU A 11 22.85 26.49 -12.49
C LEU A 11 22.40 27.43 -13.57
N GLU A 12 21.40 27.05 -14.34
CA GLU A 12 20.99 27.86 -15.44
C GLU A 12 19.49 27.91 -15.58
N LYS A 13 19.02 29.07 -16.06
CA LYS A 13 17.63 29.25 -16.47
C LYS A 13 17.23 28.48 -17.73
N PRO A 14 15.92 28.15 -17.85
CA PRO A 14 15.47 27.57 -19.10
C PRO A 14 15.85 28.44 -20.27
N GLY A 15 16.30 27.81 -21.34
CA GLY A 15 16.74 28.46 -22.57
C GLY A 15 18.16 28.89 -22.56
N ALA A 16 18.82 28.87 -21.39
CA ALA A 16 20.24 29.17 -21.35
C ALA A 16 21.06 27.98 -21.91
N SER A 17 22.37 28.14 -21.90
CA SER A 17 23.30 27.07 -22.21
C SER A 17 24.39 26.82 -21.14
N VAL A 18 25.05 25.65 -21.23
CA VAL A 18 26.16 25.34 -20.37
CA VAL A 18 26.20 25.32 -20.38
C VAL A 18 27.35 24.90 -21.23
N MET A 19 28.54 25.10 -20.70
CA MET A 19 29.76 24.62 -21.31
CA MET A 19 29.74 24.59 -21.31
C MET A 19 30.54 23.92 -20.21
N ILE A 20 30.63 22.60 -20.29
CA ILE A 20 31.28 21.80 -19.25
CA ILE A 20 31.36 21.92 -19.23
C ILE A 20 32.65 21.35 -19.78
N SER A 21 33.68 21.34 -18.93
CA SER A 21 34.99 20.90 -19.32
C SER A 21 35.37 19.62 -18.65
N CYS A 22 36.29 18.93 -19.29
CA CYS A 22 36.89 17.69 -18.82
C CYS A 22 38.38 17.68 -19.15
N LYS A 23 39.18 17.79 -18.09
CA LYS A 23 40.64 17.87 -18.17
C LYS A 23 41.24 16.51 -17.90
N ALA A 24 41.82 15.94 -18.92
CA ALA A 24 42.28 14.56 -18.85
C ALA A 24 43.73 14.57 -18.52
N SER A 25 44.15 13.65 -17.70
CA SER A 25 45.60 13.47 -17.46
C SER A 25 45.88 12.00 -17.43
N GLY A 26 47.10 11.61 -17.86
CA GLY A 26 47.62 10.26 -17.50
C GLY A 26 47.37 9.16 -18.54
N SER A 27 46.82 9.53 -19.69
CA SER A 27 46.63 8.56 -20.79
C SER A 27 46.79 9.41 -22.02
N SER A 28 46.54 8.81 -23.17
CA SER A 28 46.77 9.50 -24.41
C SER A 28 45.49 10.21 -24.81
N PHE A 29 45.47 11.55 -24.71
CA PHE A 29 44.27 12.33 -24.89
C PHE A 29 43.73 12.13 -26.29
N THR A 30 44.65 12.00 -27.26
CA THR A 30 44.22 11.91 -28.69
C THR A 30 44.08 10.43 -29.12
N GLY A 31 44.29 9.51 -28.19
CA GLY A 31 44.35 8.07 -28.40
C GLY A 31 43.03 7.36 -28.22
N TYR A 32 42.09 8.06 -27.62
CA TYR A 32 40.75 7.50 -27.30
C TYR A 32 39.75 8.52 -27.59
N ASN A 33 38.55 8.11 -28.02
CA ASN A 33 37.49 9.10 -28.14
C ASN A 33 37.02 9.50 -26.74
N MET A 34 36.70 10.77 -26.59
CA MET A 34 36.01 11.25 -25.43
C MET A 34 34.54 11.15 -25.66
N ASN A 35 33.89 10.41 -24.79
CA ASN A 35 32.46 10.29 -24.83
C ASN A 35 31.82 11.12 -23.76
N TRP A 36 30.53 11.46 -23.93
CA TRP A 36 29.80 12.22 -22.93
C TRP A 36 28.49 11.45 -22.68
N VAL A 37 28.11 11.30 -21.42
CA VAL A 37 26.94 10.56 -20.96
C VAL A 37 26.29 11.30 -19.83
N ARG A 38 24.97 11.38 -19.73
CA ARG A 38 24.33 12.00 -18.58
C ARG A 38 23.48 10.96 -17.83
N GLN A 39 23.36 11.17 -16.54
CA GLN A 39 22.51 10.40 -15.70
C GLN A 39 21.40 11.27 -15.23
N ASN A 40 20.20 10.85 -15.64
CA ASN A 40 19.00 11.60 -15.44
C ASN A 40 18.53 11.47 -14.00
N ILE A 41 17.61 12.34 -13.61
CA ILE A 41 17.09 12.29 -12.24
C ILE A 41 16.52 10.86 -11.93
N GLY A 42 15.94 10.19 -12.94
CA GLY A 42 15.53 8.75 -12.86
C GLY A 42 16.63 7.70 -12.73
N LYS A 43 17.88 8.14 -12.88
CA LYS A 43 19.05 7.30 -12.79
C LYS A 43 19.41 6.51 -14.07
N SER A 44 18.69 6.72 -15.15
CA SER A 44 19.08 6.05 -16.39
C SER A 44 20.32 6.79 -16.95
N LEU A 45 21.12 6.07 -17.72
CA LEU A 45 22.26 6.65 -18.41
C LEU A 45 21.94 6.88 -19.86
N GLU A 46 22.33 8.03 -20.39
CA GLU A 46 21.96 8.45 -21.70
C GLU A 46 23.22 9.05 -22.38
N TRP A 47 23.65 8.46 -23.49
CA TRP A 47 24.87 8.89 -24.21
C TRP A 47 24.53 10.06 -25.07
N ILE A 48 25.38 11.05 -24.97
CA ILE A 48 25.14 12.28 -25.73
C ILE A 48 25.90 12.30 -27.05
N GLY A 49 27.20 11.98 -26.97
CA GLY A 49 28.04 11.87 -28.18
C GLY A 49 29.46 11.52 -27.85
N ALA A 50 30.32 11.54 -28.89
CA ALA A 50 31.72 11.26 -28.77
C ALA A 50 32.54 12.07 -29.79
N ILE A 51 33.72 12.43 -29.39
CA ILE A 51 34.64 13.21 -30.27
C ILE A 51 35.96 12.47 -30.28
N ASP A 52 36.55 12.43 -31.47
CA ASP A 52 37.90 11.94 -31.71
C ASP A 52 38.81 13.18 -31.56
N PRO A 53 39.65 13.26 -30.51
CA PRO A 53 40.32 14.54 -30.28
C PRO A 53 41.45 14.82 -31.22
N TYR A 54 41.95 13.79 -31.86
CA TYR A 54 42.96 14.00 -32.90
C TYR A 54 42.44 14.76 -34.14
N TYR A 55 41.44 14.22 -34.83
CA TYR A 55 40.84 14.84 -36.08
C TYR A 55 39.60 15.69 -35.82
N GLY A 56 39.00 15.52 -34.66
CA GLY A 56 37.90 16.41 -34.26
C GLY A 56 36.56 15.94 -34.76
N GLY A 57 36.52 14.75 -35.35
CA GLY A 57 35.30 14.11 -35.80
C GLY A 57 34.37 13.82 -34.65
N THR A 58 33.09 14.09 -34.86
CA THR A 58 32.07 13.84 -33.79
C THR A 58 30.95 12.89 -34.22
N SER A 59 30.31 12.23 -33.22
CA SER A 59 29.00 11.60 -33.50
C SER A 59 28.09 11.96 -32.35
N TYR A 60 26.77 12.06 -32.59
CA TYR A 60 25.79 12.51 -31.61
C TYR A 60 24.60 11.65 -31.61
N ASN A 61 24.01 11.53 -30.44
CA ASN A 61 22.72 10.96 -30.27
C ASN A 61 21.70 11.94 -30.86
N GLN A 62 20.89 11.47 -31.81
CA GLN A 62 19.90 12.41 -32.43
C GLN A 62 18.86 12.93 -31.41
N LYS A 63 18.70 12.29 -30.29
CA LYS A 63 17.76 12.75 -29.31
C LYS A 63 18.04 14.18 -28.93
N PHE A 64 19.29 14.60 -29.05
CA PHE A 64 19.63 15.98 -28.62
C PHE A 64 19.33 17.06 -29.64
N LYS A 65 18.87 16.65 -30.81
CA LYS A 65 18.40 17.56 -31.82
C LYS A 65 19.45 18.64 -32.10
N GLY A 66 20.75 18.27 -32.18
CA GLY A 66 21.84 19.18 -32.46
C GLY A 66 22.16 20.25 -31.39
N ARG A 67 21.59 20.12 -30.20
CA ARG A 67 21.77 21.11 -29.15
C ARG A 67 23.10 20.93 -28.46
N ALA A 68 23.72 19.80 -28.64
CA ALA A 68 24.98 19.53 -27.96
C ALA A 68 26.11 19.65 -28.98
N THR A 69 27.21 20.24 -28.60
CA THR A 69 28.38 20.37 -29.47
C THR A 69 29.58 19.98 -28.64
N LEU A 70 30.39 19.07 -29.16
CA LEU A 70 31.62 18.62 -28.51
C LEU A 70 32.83 19.23 -29.19
N THR A 71 33.77 19.67 -28.36
CA THR A 71 35.04 20.21 -28.84
C THR A 71 36.15 19.73 -27.92
N VAL A 72 37.41 19.89 -28.37
CA VAL A 72 38.60 19.67 -27.60
C VAL A 72 39.61 20.78 -27.77
N ASP A 73 40.47 20.93 -26.77
CA ASP A 73 41.65 21.77 -26.90
C ASP A 73 42.81 20.89 -26.62
N LYS A 74 43.47 20.43 -27.65
CA LYS A 74 44.59 19.57 -27.45
C LYS A 74 45.75 20.23 -26.70
N SER A 75 45.90 21.53 -26.84
CA SER A 75 46.96 22.24 -26.09
C SER A 75 46.80 22.03 -24.56
N SER A 76 45.56 21.92 -24.05
CA SER A 76 45.37 21.75 -22.58
C SER A 76 44.83 20.37 -22.16
N SER A 77 44.79 19.40 -23.08
CA SER A 77 44.16 18.09 -22.87
C SER A 77 42.77 18.18 -22.26
N THR A 78 41.98 19.09 -22.77
CA THR A 78 40.65 19.37 -22.25
C THR A 78 39.59 19.16 -23.33
N ALA A 79 38.58 18.37 -22.97
CA ALA A 79 37.40 18.17 -23.80
C ALA A 79 36.23 18.99 -23.26
N TYR A 80 35.37 19.48 -24.17
CA TYR A 80 34.26 20.36 -23.81
C TYR A 80 32.95 19.88 -24.32
N MET A 81 31.90 20.04 -23.51
CA MET A 81 30.56 19.79 -23.97
CA MET A 81 30.53 19.74 -23.89
C MET A 81 29.68 21.03 -23.77
N HIS A 82 29.11 21.56 -24.86
CA HIS A 82 28.24 22.71 -24.84
C HIS A 82 26.85 22.21 -25.12
N LEU A 83 25.91 22.60 -24.32
CA LEU A 83 24.55 22.20 -24.51
C LEU A 83 23.70 23.44 -24.44
N LYS A 84 22.94 23.67 -25.49
CA LYS A 84 22.12 24.87 -25.56
C LYS A 84 20.63 24.59 -25.37
N SER A 85 19.85 25.68 -25.28
CA SER A 85 18.42 25.67 -25.15
C SER A 85 17.93 24.72 -24.08
N LEU A 86 18.47 24.86 -22.89
CA LEU A 86 18.14 24.01 -21.78
C LEU A 86 16.69 24.01 -21.34
N THR A 87 16.18 22.84 -21.00
CA THR A 87 14.95 22.73 -20.27
C THR A 87 15.12 21.89 -19.05
N SER A 88 14.10 21.79 -18.23
CA SER A 88 14.20 20.91 -17.04
C SER A 88 14.56 19.45 -17.35
N GLU A 89 14.26 19.00 -18.55
CA GLU A 89 14.68 17.65 -19.01
C GLU A 89 16.20 17.47 -19.10
N ASP A 90 16.94 18.58 -19.10
CA ASP A 90 18.39 18.50 -19.10
C ASP A 90 19.02 18.53 -17.76
N SER A 91 18.23 18.70 -16.68
CA SER A 91 18.81 18.64 -15.34
C SER A 91 19.30 17.23 -15.09
N ALA A 92 20.62 17.07 -14.81
CA ALA A 92 21.23 15.78 -14.78
C ALA A 92 22.66 15.90 -14.30
N VAL A 93 23.32 14.77 -14.08
CA VAL A 93 24.77 14.70 -13.92
C VAL A 93 25.39 14.29 -15.22
N TYR A 94 26.32 15.07 -15.69
CA TYR A 94 27.01 14.89 -16.99
C TYR A 94 28.42 14.37 -16.76
N TYR A 95 28.78 13.33 -17.51
CA TYR A 95 30.08 12.69 -17.39
C TYR A 95 30.83 12.75 -18.66
N CYS A 96 32.15 12.97 -18.58
CA CYS A 96 33.02 12.63 -19.68
C CYS A 96 33.59 11.22 -19.41
N VAL A 97 33.77 10.45 -20.48
CA VAL A 97 34.22 9.12 -20.37
C VAL A 97 35.26 8.83 -21.45
N SER A 98 36.48 8.62 -21.05
CA SER A 98 37.57 8.40 -21.99
C SER A 98 37.55 6.96 -22.48
N GLY A 99 37.28 6.79 -23.78
CA GLY A 99 37.26 5.50 -24.43
C GLY A 99 36.22 4.55 -23.86
N MET A 100 35.20 5.12 -23.19
CA MET A 100 34.22 4.31 -22.40
C MET A 100 34.91 3.43 -21.36
N GLU A 101 36.12 3.81 -20.93
CA GLU A 101 36.86 3.11 -19.88
C GLU A 101 36.91 3.86 -18.56
N TYR A 102 37.30 5.12 -18.61
CA TYR A 102 37.44 5.95 -17.42
C TYR A 102 36.40 7.05 -17.40
N TRP A 103 35.81 7.29 -16.25
CA TRP A 103 34.73 8.28 -16.06
C TRP A 103 35.25 9.43 -15.20
N GLY A 104 34.86 10.63 -15.60
CA GLY A 104 35.06 11.78 -14.73
C GLY A 104 34.13 11.76 -13.52
N GLN A 105 34.28 12.70 -12.61
CA GLN A 105 33.55 12.69 -11.34
C GLN A 105 32.14 13.21 -11.50
N GLY A 106 31.78 13.71 -12.68
CA GLY A 106 30.44 14.24 -12.92
C GLY A 106 30.39 15.72 -12.72
N THR A 107 29.50 16.34 -13.50
CA THR A 107 29.16 17.79 -13.33
C THR A 107 27.65 17.88 -13.27
N SER A 108 27.08 18.39 -12.18
CA SER A 108 25.66 18.57 -12.07
CA SER A 108 25.65 18.51 -12.17
CA SER A 108 25.64 18.50 -12.15
C SER A 108 25.21 19.76 -12.93
N VAL A 109 24.09 19.65 -13.65
CA VAL A 109 23.44 20.78 -14.27
C VAL A 109 22.02 20.81 -13.73
N THR A 110 21.62 21.95 -13.16
CA THR A 110 20.31 22.13 -12.70
C THR A 110 19.65 23.29 -13.40
N VAL A 111 18.48 23.03 -14.00
CA VAL A 111 17.75 24.05 -14.75
C VAL A 111 16.64 24.60 -13.87
N SER A 112 16.75 25.89 -13.51
CA SER A 112 15.82 26.52 -12.56
C SER A 112 15.88 28.00 -12.84
N SER A 113 14.76 28.69 -12.63
CA SER A 113 14.70 30.14 -12.77
C SER A 113 15.02 30.87 -11.46
N ALA A 114 15.24 30.13 -10.38
CA ALA A 114 15.49 30.72 -9.08
C ALA A 114 16.84 31.37 -8.93
N LYS A 115 16.90 32.49 -8.19
CA LYS A 115 18.15 33.01 -7.72
C LYS A 115 18.45 32.34 -6.35
N THR A 116 19.64 32.59 -5.79
CA THR A 116 19.95 32.09 -4.49
C THR A 116 18.87 32.43 -3.51
N THR A 117 18.39 31.39 -2.85
CA THR A 117 17.28 31.49 -1.90
C THR A 117 17.59 30.69 -0.63
N ALA A 118 17.58 31.35 0.52
CA ALA A 118 17.78 30.64 1.79
C ALA A 118 16.61 29.74 2.16
N PRO A 119 16.90 28.57 2.78
CA PRO A 119 15.77 27.72 3.23
C PRO A 119 14.97 28.38 4.34
N SER A 120 13.71 27.99 4.46
CA SER A 120 12.98 28.14 5.72
C SER A 120 13.08 26.84 6.47
N VAL A 121 13.40 26.86 7.76
CA VAL A 121 13.66 25.67 8.52
C VAL A 121 12.61 25.58 9.60
N TYR A 122 11.86 24.50 9.60
CA TYR A 122 10.67 24.36 10.50
C TYR A 122 10.86 23.16 11.39
N PRO A 123 10.71 23.31 12.71
CA PRO A 123 10.87 22.21 13.61
C PRO A 123 9.57 21.39 13.56
N LEU A 124 9.67 20.06 13.56
CA LEU A 124 8.51 19.23 13.54
C LEU A 124 8.42 18.40 14.82
N ALA A 125 7.63 18.90 15.80
CA ALA A 125 7.37 18.11 17.01
C ALA A 125 6.23 17.13 16.75
N PRO A 126 6.15 16.05 17.54
CA PRO A 126 5.11 15.08 17.38
C PRO A 126 3.70 15.62 17.52
N VAL A 127 2.77 14.85 16.97
CA VAL A 127 1.34 15.16 17.21
C VAL A 127 1.12 15.23 18.71
N CYS A 128 0.13 15.98 19.12
CA CYS A 128 -0.13 16.18 20.56
C CYS A 128 -0.39 14.90 21.33
N SER A 135 9.96 5.01 21.85
CA SER A 135 10.65 6.07 21.14
C SER A 135 9.78 7.29 20.74
N VAL A 136 10.45 8.40 20.48
CA VAL A 136 9.81 9.57 19.90
C VAL A 136 10.52 9.79 18.56
N THR A 137 9.78 10.26 17.57
CA THR A 137 10.39 10.69 16.31
C THR A 137 10.08 12.19 16.13
N LEU A 138 11.12 12.96 15.86
CA LEU A 138 11.04 14.36 15.60
C LEU A 138 11.59 14.65 14.21
N GLY A 139 11.30 15.84 13.76
CA GLY A 139 11.69 16.18 12.42
C GLY A 139 12.02 17.59 12.17
N CYS A 140 12.64 17.83 11.03
CA CYS A 140 12.99 19.16 10.62
CA CYS A 140 13.06 19.10 10.62
C CYS A 140 12.76 19.26 9.12
N LEU A 141 12.07 20.29 8.74
CA LEU A 141 11.71 20.52 7.33
C LEU A 141 12.46 21.73 6.85
N VAL A 142 13.16 21.55 5.73
CA VAL A 142 14.06 22.54 5.15
C VAL A 142 13.54 22.89 3.78
N LYS A 143 12.81 23.97 3.68
CA LYS A 143 11.96 24.21 2.51
C LYS A 143 12.29 25.44 1.75
N GLY A 144 12.19 25.37 0.43
CA GLY A 144 12.19 26.57 -0.37
C GLY A 144 13.56 27.18 -0.67
N TYR A 145 14.60 26.34 -0.78
CA TYR A 145 15.98 26.87 -0.97
C TYR A 145 16.55 26.63 -2.35
N PHE A 146 17.58 27.39 -2.73
CA PHE A 146 18.28 27.18 -3.99
C PHE A 146 19.65 27.81 -3.89
N PRO A 147 20.70 27.12 -4.37
CA PRO A 147 20.85 25.80 -4.87
C PRO A 147 21.26 24.81 -3.81
N GLU A 148 21.50 23.58 -4.25
CA GLU A 148 22.18 22.64 -3.41
C GLU A 148 23.61 23.08 -3.11
N PRO A 149 24.17 22.60 -1.99
CA PRO A 149 23.62 21.74 -0.99
C PRO A 149 23.25 22.49 0.29
N VAL A 150 22.59 21.76 1.19
CA VAL A 150 22.52 22.12 2.61
C VAL A 150 23.16 21.03 3.44
N THR A 151 23.54 21.34 4.67
CA THR A 151 23.98 20.34 5.62
C THR A 151 23.04 20.40 6.80
N LEU A 152 22.63 19.25 7.31
CA LEU A 152 21.76 19.23 8.48
C LEU A 152 22.36 18.28 9.50
N THR A 153 22.41 18.71 10.76
CA THR A 153 22.75 17.83 11.84
C THR A 153 21.73 17.95 12.97
N TRP A 154 21.78 17.04 13.92
CA TRP A 154 20.95 17.02 15.09
C TRP A 154 21.87 17.10 16.31
N ASN A 155 21.59 18.08 17.17
CA ASN A 155 22.45 18.41 18.40
C ASN A 155 23.93 18.44 18.00
N SER A 156 24.20 19.18 16.92
CA SER A 156 25.56 19.36 16.38
C SER A 156 26.26 18.10 15.92
N GLY A 157 25.52 17.03 15.66
CA GLY A 157 26.15 15.77 15.29
C GLY A 157 26.14 14.74 16.40
N SER A 158 25.77 15.15 17.61
CA SER A 158 25.71 14.24 18.74
C SER A 158 24.62 13.19 18.60
N LEU A 159 23.52 13.50 17.85
CA LEU A 159 22.52 12.46 17.50
C LEU A 159 22.81 12.14 16.09
N SER A 160 23.34 10.95 15.86
CA SER A 160 23.67 10.48 14.49
C SER A 160 22.96 9.16 14.22
N SER A 161 22.92 8.25 15.18
CA SER A 161 22.12 7.05 15.01
C SER A 161 20.64 7.50 15.00
N GLY A 162 19.81 6.70 14.41
CA GLY A 162 18.37 7.00 14.32
C GLY A 162 17.97 8.24 13.50
N VAL A 163 18.87 8.73 12.66
CA VAL A 163 18.62 9.89 11.84
C VAL A 163 18.39 9.44 10.40
N HIS A 164 17.39 10.07 9.77
CA HIS A 164 17.19 9.88 8.33
C HIS A 164 17.06 11.22 7.66
N THR A 165 18.05 11.62 6.91
CA THR A 165 18.01 12.82 6.18
C THR A 165 17.83 12.45 4.71
N PHE A 166 16.80 13.03 4.11
CA PHE A 166 16.34 12.61 2.80
C PHE A 166 16.96 13.47 1.74
N PRO A 167 17.17 12.92 0.57
CA PRO A 167 17.68 13.69 -0.62
C PRO A 167 16.72 14.77 -0.94
N ALA A 168 17.29 15.95 -1.24
CA ALA A 168 16.45 17.03 -1.63
C ALA A 168 15.78 16.77 -2.95
N VAL A 169 14.61 17.33 -3.09
CA VAL A 169 13.83 17.28 -4.29
C VAL A 169 13.49 18.71 -4.79
N LEU A 170 13.76 18.91 -6.08
CA LEU A 170 13.44 20.18 -6.76
C LEU A 170 12.02 20.22 -7.26
N GLN A 171 11.29 21.21 -6.86
CA GLN A 171 9.88 21.41 -7.33
C GLN A 171 9.62 22.90 -7.42
N SER A 172 9.02 23.34 -8.55
CA SER A 172 8.75 24.75 -8.81
C SER A 172 9.95 25.62 -8.47
N ASP A 173 11.09 25.14 -8.98
CA ASP A 173 12.38 25.84 -8.97
C ASP A 173 13.11 25.88 -7.64
N LEU A 174 12.53 25.32 -6.58
CA LEU A 174 13.21 25.36 -5.30
C LEU A 174 13.28 23.97 -4.69
N TYR A 175 14.22 23.76 -3.80
CA TYR A 175 14.42 22.50 -3.13
C TYR A 175 13.75 22.43 -1.78
N THR A 176 13.36 21.20 -1.43
CA THR A 176 12.87 20.84 -0.13
C THR A 176 13.48 19.55 0.31
N LEU A 177 13.98 19.55 1.56
CA LEU A 177 14.58 18.39 2.18
C LEU A 177 13.88 18.21 3.54
N SER A 178 13.95 17.01 4.09
CA SER A 178 13.49 16.78 5.47
C SER A 178 14.41 15.80 6.14
N SER A 179 14.36 15.81 7.46
CA SER A 179 15.09 14.86 8.24
C SER A 179 14.32 14.47 9.45
N SER A 180 14.43 13.24 9.85
CA SER A 180 13.82 12.71 11.06
C SER A 180 14.94 12.24 12.00
N VAL A 181 14.68 12.34 13.30
CA VAL A 181 15.52 11.77 14.35
C VAL A 181 14.60 10.98 15.29
N THR A 182 15.02 9.76 15.65
CA THR A 182 14.21 8.89 16.49
C THR A 182 15.04 8.68 17.78
N VAL A 183 14.42 8.94 18.94
CA VAL A 183 15.07 8.77 20.28
C VAL A 183 14.16 8.09 21.28
N THR A 187 15.89 11.52 27.16
CA THR A 187 14.71 11.38 26.38
C THR A 187 14.39 12.80 25.91
N TRP A 188 13.21 12.96 25.34
CA TRP A 188 12.75 14.28 24.94
C TRP A 188 11.31 14.31 25.38
N PRO A 189 10.80 15.50 25.82
CA PRO A 189 11.47 16.79 25.74
C PRO A 189 12.40 17.21 26.86
N SER A 190 12.69 16.33 27.81
CA SER A 190 13.53 16.72 28.95
C SER A 190 14.93 17.21 28.53
N GLN A 191 15.58 16.50 27.60
CA GLN A 191 16.86 16.92 27.02
C GLN A 191 16.54 17.67 25.74
N SER A 192 17.30 18.73 25.46
CA SER A 192 17.09 19.57 24.28
C SER A 192 17.45 18.83 22.96
N ILE A 193 16.64 19.03 21.91
CA ILE A 193 16.94 18.48 20.57
C ILE A 193 16.75 19.59 19.57
N THR A 194 17.82 19.82 18.82
CA THR A 194 17.92 20.96 17.92
C THR A 194 18.40 20.48 16.58
N CYS A 195 17.75 20.94 15.52
CA CYS A 195 18.27 20.67 14.21
CA CYS A 195 18.14 20.72 14.15
C CYS A 195 19.06 21.88 13.71
N ASN A 196 20.27 21.60 13.22
CA ASN A 196 21.25 22.60 12.79
C ASN A 196 21.35 22.54 11.29
N VAL A 197 21.03 23.62 10.64
CA VAL A 197 20.95 23.66 9.19
C VAL A 197 21.85 24.71 8.63
N ALA A 198 22.69 24.34 7.65
CA ALA A 198 23.47 25.32 6.91
C ALA A 198 23.21 25.31 5.40
N HIS A 199 23.18 26.50 4.81
CA HIS A 199 23.07 26.66 3.40
C HIS A 199 24.15 27.67 2.99
N PRO A 200 25.31 27.15 2.60
CA PRO A 200 26.48 27.97 2.32
C PRO A 200 26.19 29.05 1.32
N ALA A 201 25.46 28.72 0.28
CA ALA A 201 25.21 29.71 -0.78
C ALA A 201 24.54 30.94 -0.37
N SER A 202 23.64 30.84 0.61
CA SER A 202 22.95 32.02 1.12
C SER A 202 23.59 32.53 2.46
N SER A 203 24.73 31.96 2.86
CA SER A 203 25.32 32.20 4.20
C SER A 203 24.28 32.09 5.33
N THR A 204 23.49 31.04 5.27
CA THR A 204 22.48 30.82 6.25
C THR A 204 23.07 29.72 7.15
N LYS A 205 23.00 29.99 8.43
CA LYS A 205 23.21 29.00 9.46
C LYS A 205 22.09 29.23 10.44
N VAL A 206 21.27 28.21 10.67
CA VAL A 206 20.21 28.29 11.64
C VAL A 206 20.07 27.07 12.50
N ASP A 207 19.71 27.30 13.75
CA ASP A 207 19.37 26.24 14.68
C ASP A 207 17.87 26.31 15.01
N LYS A 208 17.18 25.16 14.97
CA LYS A 208 15.79 25.11 15.40
C LYS A 208 15.58 24.06 16.49
N LYS A 209 15.29 24.54 17.70
CA LYS A 209 14.92 23.66 18.79
C LYS A 209 13.53 23.02 18.54
N ILE A 210 13.42 21.73 18.78
CA ILE A 210 12.11 21.12 18.66
C ILE A 210 11.41 21.27 20.04
N GLU A 211 10.33 22.06 20.07
CA GLU A 211 9.54 22.32 21.26
C GLU A 211 8.24 21.55 21.20
N PRO A 212 7.82 20.92 22.30
CA PRO A 212 6.49 20.32 22.25
C PRO A 212 5.47 21.35 21.72
N ARG A 213 4.42 20.87 21.06
CA ARG A 213 3.37 21.74 20.55
C ARG A 213 2.50 22.13 21.74
N GLY A 214 2.03 23.37 21.74
N GLY A 214 1.99 23.36 21.78
CA GLY A 214 1.11 23.86 22.81
CA GLY A 214 1.22 23.87 22.96
C GLY A 214 -0.31 23.98 22.28
C GLY A 214 0.09 22.98 23.50
N ASP B 1 17.77 3.73 -31.27
CA ASP B 1 18.72 3.02 -30.35
C ASP B 1 18.68 1.51 -30.60
N VAL B 2 19.83 0.89 -30.47
CA VAL B 2 19.92 -0.57 -30.19
C VAL B 2 19.55 -0.72 -28.72
N VAL B 3 18.41 -1.28 -28.47
CA VAL B 3 17.83 -1.39 -27.17
C VAL B 3 18.44 -2.55 -26.43
N MET B 4 18.88 -2.25 -25.20
CA MET B 4 19.53 -3.20 -24.31
C MET B 4 18.57 -3.52 -23.19
N THR B 5 18.16 -4.77 -23.08
CA THR B 5 17.17 -5.17 -22.09
C THR B 5 17.84 -5.97 -21.02
N GLN B 6 17.88 -5.42 -19.83
CA GLN B 6 18.59 -6.00 -18.74
C GLN B 6 17.59 -6.61 -17.78
N THR B 7 17.88 -7.79 -17.27
CA THR B 7 17.06 -8.37 -16.27
C THR B 7 17.95 -9.08 -15.30
N PRO B 8 17.50 -9.19 -14.04
CA PRO B 8 16.37 -8.50 -13.45
C PRO B 8 16.71 -7.05 -13.23
N LEU B 9 15.72 -6.25 -12.99
CA LEU B 9 15.96 -4.89 -12.64
C LEU B 9 16.37 -4.76 -11.20
N SER B 10 15.85 -5.64 -10.35
CA SER B 10 16.26 -5.64 -8.94
C SER B 10 16.74 -7.03 -8.60
N LEU B 11 17.84 -7.12 -7.83
CA LEU B 11 18.37 -8.43 -7.48
C LEU B 11 18.79 -8.47 -6.04
N PRO B 12 17.87 -8.81 -5.11
CA PRO B 12 18.28 -8.97 -3.74
C PRO B 12 19.03 -10.25 -3.53
N VAL B 13 20.14 -10.13 -2.84
CA VAL B 13 20.98 -11.29 -2.54
C VAL B 13 21.50 -11.22 -1.13
N SER B 14 22.02 -12.34 -0.67
CA SER B 14 22.79 -12.32 0.58
C SER B 14 24.25 -12.20 0.25
N LEU B 15 25.02 -11.52 1.11
CA LEU B 15 26.47 -11.58 0.94
C LEU B 15 26.92 -13.06 0.90
N GLY B 16 27.80 -13.33 -0.05
CA GLY B 16 28.31 -14.65 -0.29
C GLY B 16 27.60 -15.42 -1.34
N ASP B 17 26.39 -15.03 -1.74
CA ASP B 17 25.60 -15.73 -2.74
C ASP B 17 26.28 -15.40 -4.08
N GLN B 18 26.08 -16.24 -5.07
CA GLN B 18 26.40 -15.76 -6.43
C GLN B 18 25.30 -14.86 -6.98
N ALA B 19 25.64 -14.22 -8.07
CA ALA B 19 24.66 -13.41 -8.82
C ALA B 19 24.85 -13.59 -10.30
N SER B 20 23.72 -13.49 -11.01
CA SER B 20 23.74 -13.57 -12.47
C SER B 20 22.87 -12.46 -13.02
N ILE B 21 23.37 -11.68 -13.97
CA ILE B 21 22.63 -10.54 -14.54
C ILE B 21 22.66 -10.70 -16.05
N SER B 22 21.48 -10.57 -16.68
CA SER B 22 21.41 -10.81 -18.10
CA SER B 22 21.26 -10.84 -18.09
C SER B 22 21.18 -9.54 -18.86
N CYS B 23 21.71 -9.52 -20.08
CA CYS B 23 21.49 -8.38 -20.93
CA CYS B 23 21.50 -8.36 -20.98
C CYS B 23 21.31 -8.82 -22.38
N ARG B 24 20.22 -8.37 -23.02
CA ARG B 24 19.93 -8.83 -24.40
C ARG B 24 19.83 -7.60 -25.28
N SER B 25 20.45 -7.67 -26.45
CA SER B 25 20.39 -6.52 -27.36
C SER B 25 19.32 -6.78 -28.43
N SER B 26 18.78 -5.69 -29.01
CA SER B 26 17.78 -5.83 -30.07
C SER B 26 18.32 -6.24 -31.46
N GLN B 27 19.63 -6.22 -31.64
CA GLN B 27 20.30 -6.87 -32.78
C GLN B 27 21.70 -7.29 -32.38
N SER B 28 22.34 -8.07 -33.23
CA SER B 28 23.68 -8.59 -32.89
C SER B 28 24.70 -7.50 -32.66
N LEU B 29 25.50 -7.66 -31.63
CA LEU B 29 26.56 -6.79 -31.32
C LEU B 29 27.89 -7.14 -31.92
N VAL B 30 27.91 -8.13 -32.84
CA VAL B 30 29.14 -8.38 -33.54
C VAL B 30 29.43 -7.28 -34.54
N HIS B 31 30.64 -6.75 -34.42
CA HIS B 31 31.12 -5.65 -35.26
C HIS B 31 31.77 -6.24 -36.50
N ARG B 32 31.76 -5.45 -37.56
CA ARG B 32 32.46 -5.87 -38.79
C ARG B 32 33.95 -6.22 -38.53
N ASN B 33 34.57 -5.62 -37.50
CA ASN B 33 35.95 -5.89 -37.14
C ASN B 33 36.22 -7.15 -36.33
N GLY B 34 35.15 -7.89 -36.00
CA GLY B 34 35.19 -9.13 -35.29
C GLY B 34 35.03 -9.07 -33.77
N ASN B 35 35.18 -7.88 -33.20
CA ASN B 35 34.95 -7.63 -31.78
C ASN B 35 33.44 -7.56 -31.53
N THR B 36 33.09 -7.72 -30.27
CA THR B 36 31.72 -7.57 -29.79
C THR B 36 31.77 -6.56 -28.65
N TYR B 37 31.21 -5.39 -28.89
CA TYR B 37 31.34 -4.23 -27.97
C TYR B 37 30.21 -4.19 -26.96
N LEU B 38 30.25 -5.13 -26.04
CA LEU B 38 29.29 -5.26 -24.90
C LEU B 38 30.05 -5.15 -23.60
N HIS B 39 29.69 -4.14 -22.81
CA HIS B 39 30.52 -3.79 -21.64
C HIS B 39 29.59 -3.77 -20.42
N TRP B 40 30.19 -3.95 -19.24
CA TRP B 40 29.47 -3.86 -18.00
C TRP B 40 30.09 -2.87 -17.02
N TYR B 41 29.24 -1.99 -16.48
CA TYR B 41 29.72 -0.98 -15.54
C TYR B 41 29.05 -1.20 -14.20
N LEU B 42 29.72 -0.82 -13.10
CA LEU B 42 29.08 -0.80 -11.79
C LEU B 42 29.07 0.65 -11.29
N GLN B 43 27.94 1.10 -10.74
CA GLN B 43 27.84 2.37 -10.07
C GLN B 43 27.50 2.17 -8.62
N LYS B 44 28.45 2.51 -7.76
CA LYS B 44 28.25 2.37 -6.32
C LYS B 44 27.47 3.60 -5.89
N PRO B 45 26.74 3.48 -4.78
CA PRO B 45 25.90 4.59 -4.46
C PRO B 45 26.74 5.88 -4.26
N GLY B 46 26.30 6.94 -4.91
CA GLY B 46 26.90 8.24 -4.82
C GLY B 46 28.17 8.47 -5.62
N GLN B 47 28.56 7.51 -6.44
CA GLN B 47 29.81 7.64 -7.21
C GLN B 47 29.58 7.62 -8.71
N SER B 48 30.63 7.87 -9.48
CA SER B 48 30.62 7.68 -10.92
C SER B 48 30.60 6.19 -11.22
N PRO B 49 30.04 5.82 -12.35
CA PRO B 49 30.19 4.42 -12.82
C PRO B 49 31.64 4.11 -13.08
N LYS B 50 31.97 2.85 -12.91
CA LYS B 50 33.31 2.35 -13.21
C LYS B 50 33.21 1.10 -14.11
N LEU B 51 34.15 0.97 -15.04
CA LEU B 51 34.14 -0.20 -15.95
C LEU B 51 34.60 -1.42 -15.26
N LEU B 52 33.84 -2.52 -15.40
CA LEU B 52 34.22 -3.82 -14.85
C LEU B 52 34.69 -4.76 -15.97
N ILE B 53 33.85 -4.92 -17.02
CA ILE B 53 34.13 -5.84 -18.12
C ILE B 53 33.93 -5.14 -19.45
N HIS B 54 34.90 -5.28 -20.35
CA HIS B 54 34.78 -4.70 -21.71
C HIS B 54 34.83 -5.80 -22.74
N LYS B 55 34.13 -5.59 -23.85
CA LYS B 55 34.19 -6.51 -25.00
C LYS B 55 33.88 -7.93 -24.49
N VAL B 56 32.68 -8.02 -23.90
CA VAL B 56 32.03 -9.26 -23.42
C VAL B 56 32.65 -9.82 -22.16
N SER B 57 33.98 -10.05 -22.20
CA SER B 57 34.61 -10.85 -21.14
C SER B 57 35.90 -10.34 -20.60
N ASN B 58 36.39 -9.24 -21.12
CA ASN B 58 37.72 -8.73 -20.67
C ASN B 58 37.63 -8.01 -19.38
N ARG B 59 38.32 -8.50 -18.36
CA ARG B 59 38.36 -7.80 -17.11
C ARG B 59 39.19 -6.56 -17.15
N PHE B 60 38.61 -5.44 -16.76
CA PHE B 60 39.37 -4.19 -16.70
C PHE B 60 40.39 -4.22 -15.57
N SER B 61 41.34 -3.30 -15.62
CA SER B 61 42.35 -3.17 -14.57
C SER B 61 41.80 -3.14 -13.17
N GLY B 62 42.31 -3.99 -12.26
CA GLY B 62 41.81 -3.96 -10.90
C GLY B 62 40.53 -4.70 -10.55
N VAL B 63 39.80 -5.18 -11.56
CA VAL B 63 38.53 -5.87 -11.34
C VAL B 63 38.87 -7.29 -10.91
N PRO B 64 38.28 -7.71 -9.79
CA PRO B 64 38.57 -9.04 -9.27
C PRO B 64 37.98 -10.18 -10.04
N ASP B 65 38.58 -11.35 -9.89
CA ASP B 65 38.24 -12.51 -10.64
C ASP B 65 36.79 -13.02 -10.48
N ARG B 66 36.13 -12.62 -9.38
CA ARG B 66 34.77 -13.10 -9.14
C ARG B 66 33.76 -12.57 -10.17
N PHE B 67 34.16 -11.50 -10.82
CA PHE B 67 33.33 -10.94 -11.95
C PHE B 67 33.73 -11.66 -13.25
N SER B 68 32.75 -12.18 -13.99
CA SER B 68 33.11 -12.70 -15.34
C SER B 68 31.92 -12.38 -16.23
N GLY B 69 32.22 -12.09 -17.49
CA GLY B 69 31.18 -11.88 -18.44
C GLY B 69 31.32 -12.83 -19.59
N SER B 70 30.20 -13.14 -20.18
CA SER B 70 30.09 -14.04 -21.31
C SER B 70 28.94 -13.73 -22.21
N GLY B 71 28.88 -14.48 -23.32
CA GLY B 71 27.75 -14.31 -24.23
C GLY B 71 28.19 -14.05 -25.62
N SER B 72 27.20 -13.93 -26.50
CA SER B 72 27.53 -13.59 -27.87
C SER B 72 26.29 -13.17 -28.61
N GLY B 73 26.53 -12.42 -29.67
CA GLY B 73 25.42 -12.03 -30.53
C GLY B 73 24.51 -11.02 -29.88
N THR B 74 23.43 -11.52 -29.35
CA THR B 74 22.45 -10.71 -28.69
C THR B 74 22.27 -11.04 -27.23
N ASP B 75 22.91 -12.10 -26.71
CA ASP B 75 22.61 -12.59 -25.36
CA ASP B 75 22.60 -12.52 -25.36
C ASP B 75 23.88 -12.59 -24.50
N PHE B 76 23.86 -11.86 -23.37
CA PHE B 76 25.04 -11.69 -22.53
C PHE B 76 24.68 -11.90 -21.07
N THR B 77 25.70 -12.30 -20.31
CA THR B 77 25.54 -12.56 -18.90
C THR B 77 26.77 -12.09 -18.11
N LEU B 78 26.49 -11.40 -17.02
CA LEU B 78 27.47 -11.04 -16.02
C LEU B 78 27.24 -11.95 -14.82
N LYS B 79 28.31 -12.67 -14.42
CA LYS B 79 28.32 -13.50 -13.24
C LYS B 79 29.22 -12.95 -12.17
N ILE B 80 28.73 -12.98 -10.95
CA ILE B 80 29.50 -12.68 -9.79
C ILE B 80 29.54 -13.93 -8.91
N SER B 81 30.71 -14.53 -8.78
CA SER B 81 30.72 -15.87 -8.17
C SER B 81 30.47 -15.84 -6.65
N ARG B 82 30.76 -14.71 -6.01
CA ARG B 82 30.57 -14.58 -4.57
C ARG B 82 30.42 -13.04 -4.28
N VAL B 83 29.18 -12.63 -3.99
CA VAL B 83 28.93 -11.20 -3.82
C VAL B 83 29.52 -10.75 -2.44
N GLU B 84 30.32 -9.68 -2.52
CA GLU B 84 30.86 -8.93 -1.45
C GLU B 84 30.14 -7.58 -1.27
N ALA B 85 30.26 -6.96 -0.10
CA ALA B 85 29.59 -5.65 0.11
C ALA B 85 29.99 -4.59 -0.87
N GLU B 86 31.26 -4.58 -1.26
CA GLU B 86 31.72 -3.56 -2.21
C GLU B 86 31.07 -3.75 -3.57
N ASP B 87 30.42 -4.89 -3.78
CA ASP B 87 29.79 -5.19 -5.09
C ASP B 87 28.40 -4.64 -5.16
N LEU B 88 27.84 -4.15 -4.06
CA LEU B 88 26.46 -3.72 -4.05
C LEU B 88 26.39 -2.38 -4.79
N GLY B 89 25.37 -2.21 -5.61
CA GLY B 89 25.22 -1.02 -6.45
C GLY B 89 24.41 -1.37 -7.66
N VAL B 90 24.48 -0.50 -8.68
CA VAL B 90 23.71 -0.71 -9.87
C VAL B 90 24.69 -1.07 -11.02
N TYR B 91 24.40 -2.17 -11.70
CA TYR B 91 25.13 -2.69 -12.83
C TYR B 91 24.43 -2.26 -14.12
N PHE B 92 25.19 -1.81 -15.06
CA PHE B 92 24.65 -1.45 -16.37
C PHE B 92 25.41 -2.17 -17.46
N CYS B 93 24.69 -2.80 -18.39
CA CYS B 93 25.36 -3.20 -19.61
C CYS B 93 25.26 -2.07 -20.63
N SER B 94 26.15 -2.13 -21.59
CA SER B 94 26.16 -1.12 -22.62
C SER B 94 26.73 -1.70 -23.90
N GLN B 95 26.17 -1.25 -25.05
CA GLN B 95 26.82 -1.61 -26.32
C GLN B 95 27.44 -0.43 -27.03
N SER B 96 28.61 -0.65 -27.56
CA SER B 96 29.20 0.35 -28.41
C SER B 96 29.59 -0.15 -29.81
N THR B 97 28.92 -1.19 -30.28
CA THR B 97 29.11 -1.63 -31.66
C THR B 97 28.43 -0.64 -32.65
N HIS B 98 27.24 -0.18 -32.29
CA HIS B 98 26.38 0.58 -33.13
C HIS B 98 26.41 1.95 -32.54
N VAL B 99 27.33 2.77 -33.04
CA VAL B 99 27.48 4.16 -32.57
C VAL B 99 27.51 5.11 -33.77
N PRO B 100 26.69 6.15 -33.77
CA PRO B 100 25.74 6.63 -32.72
C PRO B 100 24.41 5.98 -32.85
N PRO B 101 23.65 5.88 -31.77
CA PRO B 101 24.05 6.19 -30.38
C PRO B 101 24.57 5.00 -29.59
N LEU B 102 25.63 5.20 -28.83
CA LEU B 102 25.94 4.24 -27.77
C LEU B 102 24.70 4.14 -26.85
N THR B 103 24.43 2.92 -26.37
CA THR B 103 23.26 2.70 -25.52
C THR B 103 23.60 1.85 -24.30
N PHE B 104 22.72 2.01 -23.31
CA PHE B 104 22.82 1.33 -21.98
C PHE B 104 21.57 0.60 -21.70
N GLY B 105 21.72 -0.44 -20.92
CA GLY B 105 20.59 -1.09 -20.21
C GLY B 105 20.11 -0.24 -19.06
N ALA B 106 18.93 -0.57 -18.55
CA ALA B 106 18.27 0.23 -17.56
C ALA B 106 18.92 0.14 -16.18
N GLY B 107 19.70 -0.90 -15.98
CA GLY B 107 20.40 -1.12 -14.70
C GLY B 107 19.74 -2.23 -13.89
N THR B 108 20.57 -2.92 -13.14
CA THR B 108 20.12 -3.94 -12.24
C THR B 108 20.71 -3.50 -10.90
N LYS B 109 19.85 -3.34 -9.91
CA LYS B 109 20.28 -2.95 -8.56
C LYS B 109 20.51 -4.24 -7.76
N LEU B 110 21.76 -4.45 -7.42
CA LEU B 110 22.17 -5.56 -6.58
C LEU B 110 22.04 -5.07 -5.14
N GLU B 111 21.13 -5.69 -4.41
CA GLU B 111 20.61 -5.15 -3.12
C GLU B 111 20.80 -6.23 -2.11
N LEU B 112 20.91 -5.87 -0.83
CA LEU B 112 21.07 -6.89 0.24
C LEU B 112 19.71 -7.34 0.72
N LYS B 113 19.50 -8.65 0.82
CA LYS B 113 18.35 -9.20 1.47
C LYS B 113 18.44 -9.09 3.00
N ARG B 114 17.29 -8.91 3.59
CA ARG B 114 17.15 -8.92 5.03
C ARG B 114 15.71 -9.29 5.36
N ALA B 115 15.44 -9.51 6.64
CA ALA B 115 14.09 -9.93 7.09
C ALA B 115 13.09 -8.77 6.80
N ASP B 116 11.82 -9.13 6.67
CA ASP B 116 10.79 -8.10 6.56
C ASP B 116 10.82 -7.22 7.77
N ALA B 117 10.54 -5.91 7.59
CA ALA B 117 10.50 -4.92 8.66
C ALA B 117 9.36 -3.93 8.31
N ALA B 118 8.42 -3.79 9.24
CA ALA B 118 7.33 -2.84 9.04
C ALA B 118 7.84 -1.41 9.19
N PRO B 119 7.27 -0.51 8.41
CA PRO B 119 7.69 0.91 8.57
C PRO B 119 7.26 1.50 9.85
N THR B 120 8.11 2.31 10.44
CA THR B 120 7.72 3.12 11.55
C THR B 120 7.20 4.44 10.93
N VAL B 121 5.94 4.74 11.15
CA VAL B 121 5.27 5.89 10.45
C VAL B 121 4.97 6.97 11.45
N SER B 122 5.34 8.19 11.09
CA SER B 122 5.19 9.38 11.95
C SER B 122 4.64 10.48 11.12
N ILE B 123 3.59 11.16 11.60
CA ILE B 123 3.00 12.30 10.92
C ILE B 123 3.18 13.59 11.73
N PHE B 124 3.37 14.70 11.05
CA PHE B 124 3.66 16.02 11.65
C PHE B 124 2.83 17.08 11.01
N PRO B 125 1.94 17.65 11.84
CA PRO B 125 1.25 18.83 11.33
C PRO B 125 2.18 20.01 11.05
N PRO B 126 1.71 20.99 10.26
CA PRO B 126 2.48 22.27 10.05
C PRO B 126 3.00 22.84 11.35
N SER B 127 4.24 23.32 11.28
CA SER B 127 4.77 24.13 12.41
C SER B 127 4.04 25.44 12.50
N SER B 128 3.88 25.94 13.73
CA SER B 128 3.33 27.29 13.91
C SER B 128 4.13 28.37 13.20
N GLU B 129 5.46 28.18 13.13
CA GLU B 129 6.30 29.08 12.35
C GLU B 129 5.94 29.19 10.87
N GLN B 130 5.64 28.05 10.23
CA GLN B 130 5.25 28.06 8.85
C GLN B 130 3.91 28.68 8.63
N LEU B 131 2.93 28.32 9.48
CA LEU B 131 1.59 28.84 9.35
C LEU B 131 1.56 30.40 9.45
N THR B 132 2.45 30.97 10.27
CA THR B 132 2.45 32.43 10.47
C THR B 132 2.84 33.08 9.15
N SER B 133 3.55 32.34 8.30
CA SER B 133 3.83 32.80 6.98
C SER B 133 2.87 32.42 5.87
N GLY B 134 1.76 31.73 6.15
CA GLY B 134 0.74 31.57 5.09
C GLY B 134 0.79 30.21 4.38
N GLY B 135 1.80 29.43 4.75
CA GLY B 135 1.99 28.04 4.27
C GLY B 135 1.68 26.94 5.28
N ALA B 136 1.46 25.74 4.75
CA ALA B 136 1.08 24.60 5.55
C ALA B 136 1.59 23.30 4.92
N SER B 137 2.72 22.82 5.40
CA SER B 137 3.20 21.47 5.04
C SER B 137 2.93 20.47 6.11
N VAL B 138 2.43 19.30 5.70
CA VAL B 138 2.22 18.14 6.51
C VAL B 138 3.29 17.13 6.05
N VAL B 139 4.01 16.56 7.02
CA VAL B 139 5.09 15.63 6.74
C VAL B 139 4.83 14.28 7.29
N CYS B 140 5.20 13.27 6.53
CA CYS B 140 5.04 11.95 6.99
C CYS B 140 6.37 11.20 6.76
N PHE B 141 6.88 10.59 7.78
CA PHE B 141 8.02 9.69 7.61
C PHE B 141 7.59 8.28 7.72
N LEU B 142 8.12 7.42 6.85
CA LEU B 142 7.88 5.98 6.85
C LEU B 142 9.29 5.37 6.84
N ASN B 143 9.75 4.95 8.00
CA ASN B 143 11.17 4.66 8.21
C ASN B 143 11.48 3.17 8.51
N ASN B 144 12.66 2.73 8.03
CA ASN B 144 13.22 1.46 8.34
C ASN B 144 12.35 0.29 7.97
N PHE B 145 11.86 0.29 6.74
CA PHE B 145 11.06 -0.82 6.24
C PHE B 145 11.82 -1.75 5.26
N TYR B 146 11.30 -2.95 5.07
CA TYR B 146 11.80 -3.88 4.11
C TYR B 146 10.65 -4.83 3.87
N PRO B 147 10.41 -5.21 2.61
CA PRO B 147 11.06 -4.92 1.41
C PRO B 147 10.71 -3.50 0.94
N LYS B 148 11.28 -3.09 -0.18
CA LYS B 148 11.19 -1.74 -0.64
C LYS B 148 9.83 -1.35 -1.20
N ASP B 149 9.06 -2.28 -1.71
CA ASP B 149 7.79 -1.88 -2.28
C ASP B 149 6.86 -1.41 -1.16
N ILE B 150 6.29 -0.24 -1.40
CA ILE B 150 5.38 0.42 -0.45
C ILE B 150 4.46 1.33 -1.28
N ASN B 151 3.23 1.53 -0.80
CA ASN B 151 2.34 2.52 -1.39
C ASN B 151 2.03 3.55 -0.35
N VAL B 152 2.07 4.83 -0.75
CA VAL B 152 1.76 5.91 0.23
C VAL B 152 0.80 6.89 -0.35
N LYS B 153 -0.23 7.20 0.43
CA LYS B 153 -1.23 8.18 0.06
C LYS B 153 -1.44 9.17 1.12
N TRP B 154 -1.86 10.37 0.69
CA TRP B 154 -2.48 11.30 1.65
C TRP B 154 -3.96 11.32 1.49
N LYS B 155 -4.64 11.31 2.61
CA LYS B 155 -6.07 11.47 2.62
C LYS B 155 -6.39 12.67 3.48
N ILE B 156 -7.36 13.46 3.02
CA ILE B 156 -7.82 14.61 3.74
C ILE B 156 -9.36 14.48 3.88
N ASP B 157 -9.81 14.35 5.12
CA ASP B 157 -11.25 14.08 5.40
C ASP B 157 -11.72 12.94 4.49
N GLY B 158 -10.89 11.91 4.42
CA GLY B 158 -11.29 10.75 3.60
C GLY B 158 -11.10 10.79 2.10
N SER B 159 -10.58 11.85 1.52
CA SER B 159 -10.42 11.88 0.08
C SER B 159 -8.93 11.86 -0.15
N GLU B 160 -8.51 11.17 -1.20
CA GLU B 160 -7.15 11.16 -1.62
C GLU B 160 -6.77 12.54 -2.06
N ARG B 161 -5.60 12.96 -1.62
CA ARG B 161 -4.97 14.19 -2.07
C ARG B 161 -3.66 13.83 -2.81
N GLN B 162 -3.64 14.08 -4.08
CA GLN B 162 -2.41 13.97 -4.86
C GLN B 162 -1.64 15.25 -5.08
N ASN B 163 -2.38 16.35 -5.25
CA ASN B 163 -1.75 17.60 -5.63
C ASN B 163 -0.96 18.12 -4.42
N GLY B 164 0.27 18.53 -4.65
CA GLY B 164 1.10 19.22 -3.66
C GLY B 164 1.88 18.25 -2.81
N VAL B 165 2.06 17.04 -3.33
CA VAL B 165 2.84 16.01 -2.62
C VAL B 165 4.31 15.94 -3.15
N LEU B 166 5.28 15.83 -2.27
CA LEU B 166 6.71 15.62 -2.68
C LEU B 166 7.20 14.46 -1.84
N ASN B 167 7.73 13.44 -2.52
CA ASN B 167 8.29 12.30 -1.91
C ASN B 167 9.78 12.21 -2.11
N SER B 168 10.43 11.63 -1.13
CA SER B 168 11.87 11.36 -1.23
C SER B 168 12.20 10.12 -0.50
N TRP B 169 13.28 9.42 -0.89
CA TRP B 169 13.55 8.11 -0.32
C TRP B 169 15.06 8.02 -0.19
N THR B 170 15.48 7.26 0.81
CA THR B 170 16.91 7.03 0.99
C THR B 170 17.29 5.72 0.29
N ASP B 171 18.57 5.57 -0.13
CA ASP B 171 19.02 4.32 -0.64
C ASP B 171 19.03 3.32 0.52
N GLN B 172 19.18 2.08 0.13
CA GLN B 172 19.13 1.05 1.12
C GLN B 172 20.21 1.32 2.15
N ASP B 173 19.91 1.20 3.44
CA ASP B 173 20.83 1.63 4.49
C ASP B 173 22.00 0.63 4.58
N SER B 174 23.20 1.16 4.44
CA SER B 174 24.42 0.33 4.57
C SER B 174 24.47 -0.54 5.82
N LYS B 175 24.07 0.04 6.96
CA LYS B 175 24.07 -0.61 8.24
C LYS B 175 22.93 -1.63 8.46
N ASP B 176 21.66 -1.29 8.17
CA ASP B 176 20.58 -2.19 8.56
C ASP B 176 19.75 -2.70 7.38
N SER B 177 20.14 -2.28 6.16
CA SER B 177 19.59 -2.78 4.86
C SER B 177 18.11 -2.46 4.70
N THR B 178 17.61 -1.49 5.48
CA THR B 178 16.22 -1.08 5.34
C THR B 178 16.12 0.14 4.48
N TYR B 179 14.90 0.54 4.16
CA TYR B 179 14.59 1.72 3.32
C TYR B 179 13.80 2.67 4.15
N SER B 180 13.89 3.96 3.82
CA SER B 180 13.06 4.96 4.51
C SER B 180 12.49 5.90 3.48
N MET B 181 11.39 6.60 3.83
CA MET B 181 10.75 7.48 2.84
C MET B 181 10.18 8.66 3.58
N SER B 182 10.15 9.80 2.90
CA SER B 182 9.47 10.97 3.43
CA SER B 182 9.44 10.98 3.41
C SER B 182 8.42 11.44 2.40
N SER B 183 7.25 11.82 2.87
CA SER B 183 6.22 12.41 2.03
C SER B 183 5.74 13.71 2.61
N THR B 184 5.74 14.76 1.80
CA THR B 184 5.41 16.10 2.29
C THR B 184 4.30 16.67 1.44
N LEU B 185 3.18 16.96 2.11
CA LEU B 185 2.03 17.61 1.48
C LEU B 185 1.99 19.08 1.78
N THR B 186 2.07 19.92 0.78
CA THR B 186 2.10 21.41 1.02
C THR B 186 0.79 22.03 0.46
N LEU B 187 0.14 22.73 1.38
CA LEU B 187 -1.05 23.49 1.16
C LEU B 187 -0.82 24.96 1.52
N THR B 188 -1.77 25.83 1.15
CA THR B 188 -1.82 27.16 1.73
C THR B 188 -2.38 27.03 3.16
N LYS B 189 -2.08 28.00 4.02
CA LYS B 189 -2.73 28.04 5.33
C LYS B 189 -4.28 28.02 5.19
N ASP B 190 -4.85 28.83 4.28
CA ASP B 190 -6.31 28.92 4.16
C ASP B 190 -6.92 27.53 3.80
N GLU B 191 -6.24 26.79 2.92
CA GLU B 191 -6.76 25.49 2.50
C GLU B 191 -6.58 24.46 3.60
N TYR B 192 -5.49 24.61 4.32
CA TYR B 192 -5.21 23.71 5.47
C TYR B 192 -6.37 23.87 6.51
N GLU B 193 -6.83 25.10 6.70
CA GLU B 193 -7.79 25.43 7.73
C GLU B 193 -9.20 25.08 7.27
N ARG B 194 -9.38 24.62 6.03
CA ARG B 194 -10.71 24.10 5.68
C ARG B 194 -10.81 22.62 5.51
N HIS B 195 -9.95 21.90 6.24
CA HIS B 195 -10.15 20.48 6.46
C HIS B 195 -9.82 20.13 7.90
N ASN B 196 -10.35 19.01 8.36
CA ASN B 196 -10.12 18.64 9.74
C ASN B 196 -9.07 17.51 9.86
N SER B 197 -9.28 16.41 9.18
CA SER B 197 -8.49 15.17 9.28
C SER B 197 -7.46 15.05 8.16
N TYR B 198 -6.20 14.84 8.54
CA TYR B 198 -5.07 14.58 7.65
C TYR B 198 -4.45 13.21 7.97
N THR B 199 -4.34 12.37 6.96
CA THR B 199 -3.86 10.99 7.12
C THR B 199 -2.80 10.62 6.13
N CYS B 200 -1.70 10.03 6.67
CA CYS B 200 -0.65 9.39 5.90
C CYS B 200 -0.96 7.90 5.95
N GLU B 201 -1.28 7.33 4.79
CA GLU B 201 -1.73 5.95 4.65
C GLU B 201 -0.81 5.16 3.76
N ALA B 202 -0.28 4.07 4.32
CA ALA B 202 0.62 3.20 3.58
C ALA B 202 0.08 1.77 3.47
N THR B 203 0.45 1.10 2.39
CA THR B 203 0.32 -0.32 2.37
C THR B 203 1.71 -0.91 2.18
N HIS B 204 1.92 -2.07 2.84
CA HIS B 204 3.24 -2.74 2.79
C HIS B 204 3.02 -4.22 3.05
N LYS B 205 3.93 -5.07 2.58
CA LYS B 205 3.84 -6.52 2.81
C LYS B 205 3.59 -6.90 4.28
N THR B 206 4.15 -6.15 5.20
CA THR B 206 4.17 -6.48 6.63
C THR B 206 2.80 -6.36 7.32
N SER B 207 1.81 -5.79 6.65
CA SER B 207 0.46 -5.72 7.21
C SER B 207 -0.60 -5.94 6.16
N THR B 208 -1.62 -6.71 6.51
CA THR B 208 -2.71 -6.87 5.59
C THR B 208 -3.61 -5.67 5.66
N SER B 209 -3.55 -4.92 6.73
CA SER B 209 -4.37 -3.72 6.85
CA SER B 209 -4.36 -3.72 6.86
C SER B 209 -3.48 -2.53 6.53
N PRO B 210 -4.08 -1.45 6.04
CA PRO B 210 -3.26 -0.30 5.87
C PRO B 210 -2.65 0.21 7.14
N ILE B 211 -1.50 0.84 6.99
CA ILE B 211 -0.75 1.41 8.06
C ILE B 211 -1.12 2.90 8.05
N VAL B 212 -1.74 3.38 9.12
CA VAL B 212 -2.38 4.74 9.11
C VAL B 212 -1.77 5.57 10.22
N LYS B 213 -1.41 6.82 9.93
CA LYS B 213 -1.18 7.81 10.94
C LYS B 213 -1.92 9.08 10.54
N SER B 214 -2.67 9.64 11.50
CA SER B 214 -3.57 10.75 11.22
CA SER B 214 -3.56 10.78 11.23
C SER B 214 -3.57 11.72 12.38
N PHE B 215 -4.02 12.92 12.10
CA PHE B 215 -4.31 13.89 13.15
C PHE B 215 -5.50 14.72 12.66
N ASN B 216 -6.16 15.38 13.62
CA ASN B 216 -7.17 16.35 13.30
C ASN B 216 -6.64 17.76 13.64
N ARG B 217 -6.83 18.68 12.70
CA ARG B 217 -6.24 20.02 12.81
C ARG B 217 -6.47 20.70 14.19
N ASN B 218 -7.62 20.45 14.80
CA ASN B 218 -7.84 21.16 16.06
C ASN B 218 -7.18 20.61 17.35
N GLU B 219 -6.66 19.37 17.34
CA GLU B 219 -5.54 18.94 18.28
C GLU B 219 -5.41 17.44 18.21
N GLN C 3 4.74 -11.79 -4.56
CA GLN C 3 4.06 -10.95 -3.53
C GLN C 3 3.27 -9.93 -4.29
N LEU C 4 2.02 -9.69 -3.89
CA LEU C 4 1.15 -8.72 -4.58
C LEU C 4 0.70 -7.66 -3.60
N LEU C 5 1.18 -6.43 -3.79
CA LEU C 5 0.93 -5.37 -2.85
C LEU C 5 -0.12 -4.39 -3.48
N GLN C 6 -1.31 -4.39 -2.92
CA GLN C 6 -2.38 -3.54 -3.47
C GLN C 6 -2.33 -2.18 -2.79
N SER C 7 -2.91 -1.19 -3.48
CA SER C 7 -3.19 0.10 -2.90
C SER C 7 -4.23 0.09 -1.82
N GLY C 8 -4.32 1.24 -1.13
CA GLY C 8 -5.12 1.33 0.05
C GLY C 8 -6.62 1.56 -0.19
N PRO C 9 -7.35 1.69 0.91
CA PRO C 9 -8.84 1.77 0.81
C PRO C 9 -9.32 3.00 0.07
N GLU C 10 -10.49 2.84 -0.52
CA GLU C 10 -11.05 3.93 -1.31
C GLU C 10 -12.45 4.22 -0.78
N LEU C 11 -12.77 5.51 -0.85
CA LEU C 11 -14.09 6.01 -0.55
C LEU C 11 -14.47 6.86 -1.78
N GLU C 12 -15.59 6.54 -2.48
CA GLU C 12 -15.96 7.29 -3.64
C GLU C 12 -17.49 7.45 -3.61
N LYS C 13 -17.93 8.54 -4.19
CA LYS C 13 -19.34 8.82 -4.30
C LYS C 13 -19.90 7.97 -5.45
N PRO C 14 -21.22 7.70 -5.40
CA PRO C 14 -21.84 7.15 -6.61
C PRO C 14 -21.58 7.95 -7.85
N GLY C 15 -21.32 7.29 -8.98
CA GLY C 15 -21.05 7.87 -10.25
C GLY C 15 -19.60 8.12 -10.60
N ALA C 16 -18.77 8.03 -9.59
CA ALA C 16 -17.34 8.31 -9.75
C ALA C 16 -16.61 7.01 -10.10
N SER C 17 -15.27 7.07 -10.05
CA SER C 17 -14.38 5.97 -10.50
CA SER C 17 -14.44 5.91 -10.42
C SER C 17 -13.38 5.65 -9.41
N VAL C 18 -12.87 4.42 -9.44
CA VAL C 18 -11.69 4.05 -8.65
C VAL C 18 -10.64 3.42 -9.56
N MET C 19 -9.39 3.59 -9.13
CA MET C 19 -8.24 2.99 -9.79
C MET C 19 -7.48 2.30 -8.69
N ILE C 20 -7.40 0.97 -8.78
CA ILE C 20 -6.66 0.19 -7.75
C ILE C 20 -5.42 -0.38 -8.40
N SER C 21 -4.29 -0.38 -7.68
CA SER C 21 -3.06 -0.97 -8.17
C SER C 21 -2.70 -2.21 -7.42
N CYS C 22 -1.85 -2.98 -8.09
CA CYS C 22 -1.37 -4.27 -7.62
C CYS C 22 0.06 -4.41 -8.12
N LYS C 23 1.03 -4.14 -7.20
CA LYS C 23 2.45 -4.22 -7.56
C LYS C 23 2.97 -5.57 -7.19
N ALA C 24 3.52 -6.24 -8.17
CA ALA C 24 4.03 -7.57 -8.07
C ALA C 24 5.54 -7.52 -7.82
N SER C 25 5.99 -8.34 -6.91
CA SER C 25 7.43 -8.54 -6.75
C SER C 25 7.67 -10.01 -6.81
N GLY C 26 8.73 -10.41 -7.50
CA GLY C 26 8.93 -11.82 -7.77
C GLY C 26 9.18 -11.97 -9.24
N SER C 27 9.08 -13.20 -9.74
CA SER C 27 9.45 -13.43 -11.15
C SER C 27 8.31 -13.72 -12.11
N SER C 28 7.17 -14.17 -11.61
CA SER C 28 6.14 -14.70 -12.49
C SER C 28 5.13 -13.65 -12.98
N PHE C 29 5.43 -12.35 -12.80
CA PHE C 29 4.44 -11.26 -13.16
C PHE C 29 4.01 -11.37 -14.61
N THR C 30 4.92 -11.62 -15.58
CA THR C 30 4.44 -11.84 -16.96
C THR C 30 4.13 -13.27 -17.29
N GLY C 31 4.29 -14.18 -16.32
CA GLY C 31 4.06 -15.60 -16.48
C GLY C 31 2.63 -16.09 -16.43
N TYR C 32 1.78 -15.27 -15.82
CA TYR C 32 0.42 -15.72 -15.42
C TYR C 32 -0.49 -14.53 -15.69
N ASN C 33 -1.72 -14.83 -16.05
CA ASN C 33 -2.76 -13.82 -16.06
C ASN C 33 -2.98 -13.19 -14.70
N MET C 34 -3.21 -11.89 -14.67
CA MET C 34 -3.63 -11.22 -13.49
C MET C 34 -5.12 -11.14 -13.47
N ASN C 35 -5.69 -11.86 -12.50
CA ASN C 35 -7.13 -11.82 -12.26
C ASN C 35 -7.51 -10.80 -11.19
N TRP C 36 -8.76 -10.35 -11.28
CA TRP C 36 -9.34 -9.44 -10.29
C TRP C 36 -10.66 -10.07 -9.84
N VAL C 37 -10.83 -10.15 -8.54
CA VAL C 37 -12.00 -10.74 -7.90
C VAL C 37 -12.41 -9.80 -6.80
N ARG C 38 -13.69 -9.65 -6.57
CA ARG C 38 -14.18 -8.96 -5.37
C ARG C 38 -14.98 -9.85 -4.45
N GLN C 39 -14.99 -9.44 -3.21
CA GLN C 39 -15.77 -10.07 -2.16
C GLN C 39 -16.80 -9.03 -1.72
N ASN C 40 -18.06 -9.35 -1.99
CA ASN C 40 -19.19 -8.48 -1.73
C ASN C 40 -19.52 -8.43 -0.28
N ILE C 41 -20.40 -7.47 0.06
CA ILE C 41 -20.90 -7.30 1.39
C ILE C 41 -21.44 -8.63 1.93
N GLY C 42 -22.13 -9.39 1.10
CA GLY C 42 -22.63 -10.68 1.59
C GLY C 42 -21.58 -11.82 1.70
N LYS C 43 -20.32 -11.52 1.39
CA LYS C 43 -19.18 -12.43 1.44
C LYS C 43 -19.02 -13.38 0.21
N SER C 44 -19.90 -13.26 -0.76
CA SER C 44 -19.67 -13.96 -1.98
C SER C 44 -18.45 -13.43 -2.74
N LEU C 45 -17.85 -14.30 -3.58
CA LEU C 45 -16.73 -13.92 -4.49
C LEU C 45 -17.24 -13.84 -5.89
N GLU C 46 -16.79 -12.82 -6.59
CA GLU C 46 -17.22 -12.49 -7.91
C GLU C 46 -16.02 -12.08 -8.75
N TRP C 47 -15.83 -12.78 -9.83
CA TRP C 47 -14.69 -12.50 -10.72
C TRP C 47 -15.04 -11.37 -11.67
N ILE C 48 -14.10 -10.51 -11.89
CA ILE C 48 -14.33 -9.30 -12.69
C ILE C 48 -13.71 -9.52 -14.03
N GLY C 49 -12.47 -9.99 -14.10
CA GLY C 49 -11.83 -10.22 -15.39
C GLY C 49 -10.36 -10.59 -15.20
N ALA C 50 -9.64 -10.77 -16.29
CA ALA C 50 -8.24 -11.04 -16.23
C ALA C 50 -7.50 -10.44 -17.40
N ILE C 51 -6.25 -10.12 -17.12
CA ILE C 51 -5.37 -9.58 -18.18
C ILE C 51 -4.12 -10.44 -18.27
N ASP C 52 -3.70 -10.63 -19.51
CA ASP C 52 -2.46 -11.30 -19.83
C ASP C 52 -1.35 -10.28 -19.87
N PRO C 53 -0.45 -10.27 -18.87
CA PRO C 53 0.54 -9.19 -18.89
C PRO C 53 1.61 -9.30 -20.02
N TYR C 54 1.80 -10.48 -20.55
CA TYR C 54 2.75 -10.76 -21.64
C TYR C 54 2.27 -10.20 -22.96
N TYR C 55 1.12 -10.64 -23.42
CA TYR C 55 0.58 -10.19 -24.73
C TYR C 55 -0.48 -9.11 -24.63
N GLY C 56 -1.02 -8.84 -23.45
CA GLY C 56 -1.95 -7.72 -23.23
C GLY C 56 -3.44 -7.94 -23.44
N GLY C 57 -3.83 -9.13 -23.81
CA GLY C 57 -5.25 -9.43 -23.96
C GLY C 57 -5.97 -9.44 -22.62
N THR C 58 -7.29 -9.27 -22.71
CA THR C 58 -8.16 -9.16 -21.56
C THR C 58 -9.35 -10.04 -21.76
N SER C 59 -9.93 -10.44 -20.63
CA SER C 59 -11.20 -11.15 -20.62
C SER C 59 -11.99 -10.57 -19.49
N TYR C 60 -13.30 -10.33 -19.67
CA TYR C 60 -14.13 -9.72 -18.66
C TYR C 60 -15.39 -10.52 -18.38
N ASN C 61 -15.83 -10.49 -17.15
CA ASN C 61 -17.21 -10.89 -16.84
C ASN C 61 -18.09 -9.87 -17.53
N GLN C 62 -19.07 -10.33 -18.31
CA GLN C 62 -19.95 -9.43 -19.06
C GLN C 62 -20.67 -8.44 -18.18
N LYS C 63 -20.91 -8.81 -16.93
CA LYS C 63 -21.49 -7.86 -15.99
C LYS C 63 -20.69 -6.54 -15.90
N PHE C 64 -19.39 -6.64 -16.00
CA PHE C 64 -18.46 -5.49 -15.89
C PHE C 64 -17.81 -4.99 -17.19
N LYS C 65 -17.96 -5.70 -18.32
CA LYS C 65 -17.45 -5.22 -19.60
C LYS C 65 -17.84 -3.76 -19.75
N GLY C 66 -16.90 -2.98 -20.24
CA GLY C 66 -17.18 -1.57 -20.47
C GLY C 66 -16.80 -0.79 -19.24
N ARG C 67 -17.31 -1.17 -18.07
CA ARG C 67 -17.13 -0.34 -16.91
C ARG C 67 -15.79 -0.60 -16.21
N ALA C 68 -15.36 -1.86 -16.21
CA ALA C 68 -14.04 -2.22 -15.65
C ALA C 68 -13.01 -2.21 -16.73
N THR C 69 -11.84 -1.63 -16.46
CA THR C 69 -10.75 -1.65 -17.43
C THR C 69 -9.46 -2.14 -16.76
N LEU C 70 -8.91 -3.24 -17.28
CA LEU C 70 -7.66 -3.77 -16.71
C LEU C 70 -6.51 -3.34 -17.61
N THR C 71 -5.41 -2.95 -16.98
CA THR C 71 -4.15 -2.63 -17.62
C THR C 71 -2.97 -3.14 -16.78
N VAL C 72 -1.80 -3.14 -17.43
CA VAL C 72 -0.57 -3.39 -16.70
C VAL C 72 0.47 -2.39 -17.16
N ASP C 73 1.46 -2.20 -16.31
CA ASP C 73 2.66 -1.46 -16.64
C ASP C 73 3.78 -2.41 -16.39
N LYS C 74 4.29 -2.99 -17.47
CA LYS C 74 5.35 -3.98 -17.36
C LYS C 74 6.60 -3.38 -16.72
N SER C 75 6.87 -2.10 -16.91
CA SER C 75 8.13 -1.51 -16.40
C SER C 75 8.14 -1.52 -14.91
N SER C 76 6.96 -1.38 -14.30
CA SER C 76 6.87 -1.34 -12.86
C SER C 76 6.25 -2.66 -12.27
N SER C 77 6.05 -3.67 -13.11
CA SER C 77 5.26 -4.86 -12.77
C SER C 77 4.11 -4.53 -11.84
N THR C 78 3.30 -3.65 -12.38
CA THR C 78 2.08 -3.28 -11.71
C THR C 78 0.86 -3.47 -12.57
N ALA C 79 -0.15 -4.11 -11.98
CA ALA C 79 -1.47 -4.26 -12.63
C ALA C 79 -2.50 -3.28 -12.00
N TYR C 80 -3.40 -2.78 -12.82
CA TYR C 80 -4.36 -1.81 -12.42
C TYR C 80 -5.76 -2.26 -12.80
N MET C 81 -6.67 -1.86 -11.95
CA MET C 81 -8.12 -2.04 -12.21
CA MET C 81 -8.08 -2.06 -12.18
C MET C 81 -8.80 -0.70 -12.05
N HIS C 82 -9.40 -0.25 -13.14
CA HIS C 82 -10.20 0.96 -13.14
C HIS C 82 -11.66 0.53 -13.24
N LEU C 83 -12.46 1.06 -12.36
CA LEU C 83 -13.89 0.75 -12.31
C LEU C 83 -14.64 2.08 -12.26
N LYS C 84 -15.49 2.30 -13.25
CA LYS C 84 -16.22 3.59 -13.35
C LYS C 84 -17.71 3.44 -13.11
N SER C 85 -18.43 4.55 -13.10
CA SER C 85 -19.90 4.55 -12.74
C SER C 85 -20.24 3.75 -11.49
N LEU C 86 -19.54 4.01 -10.37
CA LEU C 86 -19.74 3.27 -9.16
C LEU C 86 -21.13 3.41 -8.61
N THR C 87 -21.64 2.33 -8.09
CA THR C 87 -22.81 2.32 -7.25
C THR C 87 -22.59 1.63 -5.96
N SER C 88 -23.61 1.64 -5.13
CA SER C 88 -23.59 0.94 -3.81
C SER C 88 -23.27 -0.54 -3.98
N GLU C 89 -23.58 -1.09 -5.16
CA GLU C 89 -23.37 -2.51 -5.42
C GLU C 89 -21.91 -2.81 -5.61
N ASP C 90 -21.09 -1.76 -5.75
CA ASP C 90 -19.66 -1.94 -5.95
C ASP C 90 -18.86 -1.82 -4.65
N SER C 91 -19.51 -1.60 -3.53
CA SER C 91 -18.85 -1.62 -2.21
C SER C 91 -18.44 -3.05 -1.92
N ALA C 92 -17.12 -3.26 -1.82
CA ALA C 92 -16.58 -4.61 -1.76
C ALA C 92 -15.08 -4.56 -1.44
N VAL C 93 -14.49 -5.71 -1.13
CA VAL C 93 -13.00 -5.83 -1.07
C VAL C 93 -12.55 -6.40 -2.38
N TYR C 94 -11.64 -5.69 -3.06
CA TYR C 94 -11.15 -6.11 -4.40
C TYR C 94 -9.81 -6.73 -4.24
N TYR C 95 -9.59 -7.84 -4.94
CA TYR C 95 -8.30 -8.60 -4.89
C TYR C 95 -7.73 -8.75 -6.29
N CYS C 96 -6.41 -8.57 -6.42
CA CYS C 96 -5.68 -9.05 -7.57
C CYS C 96 -5.16 -10.43 -7.25
N VAL C 97 -5.22 -11.28 -8.22
CA VAL C 97 -4.87 -12.68 -8.06
C VAL C 97 -4.07 -13.14 -9.27
N SER C 98 -2.79 -13.38 -9.05
CA SER C 98 -1.93 -13.82 -10.11
C SER C 98 -2.11 -15.29 -10.40
N GLY C 99 -2.58 -15.63 -11.62
CA GLY C 99 -2.77 -17.03 -11.94
C GLY C 99 -3.85 -17.81 -11.19
N MET C 100 -4.67 -17.09 -10.46
CA MET C 100 -5.60 -17.67 -9.45
C MET C 100 -4.92 -18.41 -8.35
N GLU C 101 -3.62 -18.11 -8.18
CA GLU C 101 -2.76 -18.81 -7.20
C GLU C 101 -2.41 -17.92 -6.04
N TYR C 102 -1.93 -16.75 -6.33
CA TYR C 102 -1.46 -15.78 -5.30
C TYR C 102 -2.33 -14.52 -5.25
N TRP C 103 -2.82 -14.21 -4.09
CA TRP C 103 -3.76 -13.12 -3.85
C TRP C 103 -3.04 -11.93 -3.24
N GLY C 104 -3.40 -10.76 -3.69
CA GLY C 104 -3.06 -9.61 -2.91
C GLY C 104 -3.82 -9.52 -1.61
N GLN C 105 -3.51 -8.46 -0.85
CA GLN C 105 -4.05 -8.38 0.51
C GLN C 105 -5.45 -7.78 0.54
N GLY C 106 -5.94 -7.32 -0.59
CA GLY C 106 -7.26 -6.69 -0.67
C GLY C 106 -7.26 -5.18 -0.60
N THR C 107 -8.22 -4.59 -1.30
CA THR C 107 -8.43 -3.14 -1.30
C THR C 107 -9.95 -2.97 -1.05
N SER C 108 -10.26 -2.35 0.05
CA SER C 108 -11.65 -2.10 0.41
CA SER C 108 -11.67 -2.08 0.44
C SER C 108 -12.14 -0.83 -0.32
N VAL C 109 -13.23 -0.94 -1.05
CA VAL C 109 -13.88 0.17 -1.78
C VAL C 109 -15.25 0.40 -1.17
N THR C 110 -15.52 1.61 -0.69
CA THR C 110 -16.81 1.96 -0.17
C THR C 110 -17.36 3.01 -1.08
N VAL C 111 -18.58 2.81 -1.54
CA VAL C 111 -19.27 3.76 -2.42
C VAL C 111 -20.44 4.37 -1.56
N SER C 112 -20.36 5.67 -1.21
CA SER C 112 -21.36 6.31 -0.44
C SER C 112 -21.30 7.81 -0.77
N SER C 113 -22.46 8.44 -0.60
CA SER C 113 -22.64 9.88 -0.73
C SER C 113 -22.25 10.56 0.54
N ALA C 114 -21.87 9.77 1.56
CA ALA C 114 -21.53 10.29 2.90
C ALA C 114 -20.15 10.89 3.01
N LYS C 115 -20.09 11.92 3.83
CA LYS C 115 -18.80 12.44 4.30
C LYS C 115 -18.75 12.24 5.78
N THR C 116 -17.66 12.64 6.41
CA THR C 116 -17.47 12.39 7.82
C THR C 116 -18.68 12.87 8.65
N THR C 117 -19.21 11.95 9.46
CA THR C 117 -20.41 12.18 10.24
C THR C 117 -20.16 11.52 11.60
N ALA C 118 -20.27 12.27 12.67
CA ALA C 118 -20.12 11.76 14.03
C ALA C 118 -21.31 10.85 14.36
N PRO C 119 -21.06 9.79 15.11
CA PRO C 119 -22.19 9.01 15.64
C PRO C 119 -23.00 9.75 16.64
N SER C 120 -24.29 9.40 16.69
CA SER C 120 -25.08 9.60 17.85
C SER C 120 -25.00 8.36 18.71
N VAL C 121 -24.74 8.54 19.99
CA VAL C 121 -24.51 7.40 20.89
C VAL C 121 -25.62 7.39 21.94
N TYR C 122 -26.42 6.32 21.94
CA TYR C 122 -27.60 6.25 22.76
C TYR C 122 -27.49 5.13 23.76
N PRO C 123 -27.83 5.41 25.01
CA PRO C 123 -27.81 4.39 26.05
C PRO C 123 -29.02 3.50 25.91
N LEU C 124 -28.83 2.20 26.13
CA LEU C 124 -29.91 1.22 26.12
C LEU C 124 -30.12 0.58 27.48
N ALA C 125 -31.07 1.10 28.24
CA ALA C 125 -31.37 0.56 29.55
C ALA C 125 -32.57 -0.34 29.42
N PRO C 126 -32.74 -1.23 30.40
CA PRO C 126 -33.81 -2.18 30.26
C PRO C 126 -35.18 -1.58 30.27
N VAL C 127 -36.12 -2.33 29.74
CA VAL C 127 -37.53 -1.89 29.68
C VAL C 127 -38.06 -1.72 31.09
N CYS C 128 -39.03 -0.84 31.24
CA CYS C 128 -39.68 -0.68 32.56
C CYS C 128 -40.66 -1.77 32.91
N GLY C 129 -41.10 -2.57 31.95
CA GLY C 129 -41.91 -3.76 32.25
C GLY C 129 -41.27 -4.76 33.20
N ASP C 130 -39.93 -4.76 33.23
CA ASP C 130 -39.10 -5.65 34.04
C ASP C 130 -39.48 -7.14 33.96
N THR C 131 -39.59 -7.78 35.11
CA THR C 131 -39.55 -9.25 35.24
C THR C 131 -38.09 -9.65 35.24
N THR C 132 -37.36 -8.95 36.11
CA THR C 132 -35.92 -9.10 36.22
C THR C 132 -35.55 -10.53 36.61
N GLY C 133 -34.39 -11.01 36.12
CA GLY C 133 -33.80 -12.34 36.47
C GLY C 133 -32.41 -12.18 37.10
N SER C 134 -31.55 -13.22 37.07
CA SER C 134 -30.25 -13.18 37.75
C SER C 134 -29.20 -12.29 37.05
N SER C 135 -29.45 -12.00 35.77
CA SER C 135 -28.61 -11.15 34.94
CA SER C 135 -28.61 -11.09 35.02
C SER C 135 -29.46 -10.05 34.34
N VAL C 136 -28.80 -8.98 34.00
CA VAL C 136 -29.37 -7.88 33.25
C VAL C 136 -28.44 -7.53 32.08
N THR C 137 -29.07 -7.21 30.95
CA THR C 137 -28.37 -6.86 29.75
C THR C 137 -28.64 -5.36 29.47
N LEU C 138 -27.55 -4.62 29.27
CA LEU C 138 -27.55 -3.23 28.87
C LEU C 138 -26.97 -3.10 27.52
N GLY C 139 -27.15 -1.92 26.91
CA GLY C 139 -26.52 -1.75 25.61
C GLY C 139 -26.20 -0.34 25.24
N CYS C 140 -25.53 -0.17 24.10
CA CYS C 140 -25.10 1.07 23.58
CA CYS C 140 -25.24 1.11 23.55
C CYS C 140 -25.38 1.04 22.07
N LEU C 141 -26.07 2.03 21.53
CA LEU C 141 -26.40 2.08 20.15
C LEU C 141 -25.59 3.22 19.54
N VAL C 142 -24.76 2.92 18.55
CA VAL C 142 -23.83 3.92 17.90
C VAL C 142 -24.33 4.15 16.49
N LYS C 143 -25.13 5.19 16.32
CA LYS C 143 -25.93 5.32 15.13
C LYS C 143 -25.52 6.45 14.19
N GLY C 144 -25.48 6.12 12.90
CA GLY C 144 -25.41 7.18 11.87
C GLY C 144 -24.03 7.83 11.69
N TYR C 145 -22.93 7.05 11.67
CA TYR C 145 -21.59 7.60 11.57
C TYR C 145 -20.97 7.21 10.23
N PHE C 146 -19.92 7.95 9.88
CA PHE C 146 -19.19 7.64 8.66
C PHE C 146 -17.87 8.32 8.79
N PRO C 147 -16.74 7.65 8.38
CA PRO C 147 -16.54 6.32 7.95
C PRO C 147 -16.29 5.41 9.11
N GLU C 148 -16.05 4.13 8.82
CA GLU C 148 -15.44 3.22 9.81
C GLU C 148 -14.01 3.70 10.10
N PRO C 149 -13.47 3.43 11.29
CA PRO C 149 -13.99 2.69 12.43
C PRO C 149 -14.46 3.54 13.55
N VAL C 150 -15.13 2.86 14.47
CA VAL C 150 -15.32 3.34 15.84
C VAL C 150 -14.71 2.30 16.75
N THR C 151 -14.32 2.77 17.93
CA THR C 151 -13.98 1.90 19.07
C THR C 151 -15.03 2.05 20.21
N LEU C 152 -15.35 0.95 20.85
CA LEU C 152 -16.30 0.93 21.90
C LEU C 152 -15.78 0.01 23.02
N THR C 153 -15.78 0.59 24.22
CA THR C 153 -15.51 -0.12 25.49
C THR C 153 -16.60 0.05 26.47
N TRP C 154 -16.58 -0.73 27.57
CA TRP C 154 -17.47 -0.54 28.67
C TRP C 154 -16.63 -0.26 29.90
N ASN C 155 -17.04 0.73 30.65
CA ASN C 155 -16.28 1.11 31.84
C ASN C 155 -14.80 1.24 31.56
N SER C 156 -14.49 1.90 30.45
CA SER C 156 -13.10 2.20 30.05
C SER C 156 -12.24 0.97 29.84
N GLY C 157 -12.90 -0.16 29.56
CA GLY C 157 -12.22 -1.39 29.22
C GLY C 157 -12.17 -2.33 30.36
N SER C 158 -12.54 -1.87 31.53
CA SER C 158 -12.51 -2.70 32.71
C SER C 158 -13.66 -3.66 32.77
N LEU C 159 -14.73 -3.41 32.01
CA LEU C 159 -15.82 -4.36 31.93
C LEU C 159 -15.72 -5.02 30.55
N SER C 160 -15.17 -6.24 30.48
CA SER C 160 -14.84 -6.89 29.22
C SER C 160 -15.56 -8.25 29.05
N SER C 161 -15.89 -8.91 30.16
CA SER C 161 -16.59 -10.18 30.04
C SER C 161 -18.10 -9.91 29.82
N GLY C 162 -18.78 -10.81 29.12
CA GLY C 162 -20.20 -10.65 28.93
C GLY C 162 -20.59 -9.61 27.90
N VAL C 163 -19.65 -9.23 27.08
CA VAL C 163 -19.84 -8.13 26.09
C VAL C 163 -19.98 -8.73 24.69
N HIS C 164 -20.91 -8.18 23.91
CA HIS C 164 -20.99 -8.43 22.53
C HIS C 164 -21.05 -7.14 21.75
N THR C 165 -19.99 -6.86 21.04
CA THR C 165 -19.98 -5.71 20.14
C THR C 165 -20.08 -6.16 18.71
N PHE C 166 -21.12 -5.69 18.07
CA PHE C 166 -21.50 -6.23 16.78
C PHE C 166 -20.82 -5.50 15.66
N PRO C 167 -20.43 -6.22 14.59
CA PRO C 167 -19.94 -5.54 13.42
C PRO C 167 -20.82 -4.40 12.94
N ALA C 168 -20.21 -3.32 12.50
CA ALA C 168 -21.00 -2.21 11.94
C ALA C 168 -21.62 -2.61 10.59
N VAL C 169 -22.78 -2.04 10.28
CA VAL C 169 -23.44 -2.24 9.01
C VAL C 169 -23.77 -0.90 8.38
N LEU C 170 -23.44 -0.78 7.08
CA LEU C 170 -23.70 0.40 6.24
C LEU C 170 -25.09 0.31 5.68
N GLN C 171 -25.91 1.27 6.02
CA GLN C 171 -27.22 1.41 5.42
C GLN C 171 -27.56 2.82 5.16
N SER C 172 -28.14 3.07 4.01
CA SER C 172 -28.49 4.41 3.60
C SER C 172 -27.36 5.39 3.89
N ASP C 173 -26.17 4.95 3.52
CA ASP C 173 -24.96 5.70 3.44
C ASP C 173 -24.28 5.94 4.73
N LEU C 174 -24.83 5.44 5.88
CA LEU C 174 -24.22 5.62 7.15
C LEU C 174 -24.08 4.27 7.89
N TYR C 175 -23.10 4.20 8.76
CA TYR C 175 -22.94 3.04 9.65
C TYR C 175 -23.71 3.10 10.94
N THR C 176 -24.11 1.93 11.44
CA THR C 176 -24.63 1.78 12.76
C THR C 176 -23.99 0.54 13.34
N LEU C 177 -23.66 0.64 14.62
CA LEU C 177 -23.08 -0.44 15.41
C LEU C 177 -23.81 -0.48 16.74
N SER C 178 -23.85 -1.61 17.40
CA SER C 178 -24.39 -1.71 18.74
C SER C 178 -23.52 -2.64 19.58
N SER C 179 -23.64 -2.55 20.92
CA SER C 179 -22.97 -3.42 21.80
C SER C 179 -23.83 -3.72 23.00
N SER C 180 -23.82 -4.98 23.45
CA SER C 180 -24.54 -5.40 24.66
C SER C 180 -23.51 -5.77 25.76
N VAL C 181 -23.88 -5.52 27.00
CA VAL C 181 -23.13 -6.03 28.17
C VAL C 181 -24.15 -6.68 29.14
N THR C 182 -23.78 -7.87 29.65
CA THR C 182 -24.59 -8.58 30.55
C THR C 182 -23.84 -8.72 31.85
N VAL C 183 -24.50 -8.31 32.90
CA VAL C 183 -23.94 -8.33 34.26
C VAL C 183 -24.95 -8.98 35.21
N THR C 184 -24.52 -9.31 36.45
CA THR C 184 -25.48 -9.84 37.35
C THR C 184 -26.45 -8.75 37.77
N SER C 185 -27.66 -9.15 38.10
CA SER C 185 -28.74 -8.21 38.46
C SER C 185 -28.33 -7.29 39.61
N SER C 186 -27.55 -7.82 40.56
CA SER C 186 -27.01 -7.03 41.68
C SER C 186 -25.97 -5.95 41.31
N THR C 187 -25.44 -6.03 40.10
CA THR C 187 -24.37 -5.17 39.69
C THR C 187 -24.91 -3.80 39.33
N TRP C 188 -26.10 -3.77 38.70
CA TRP C 188 -26.63 -2.50 38.10
C TRP C 188 -28.06 -2.37 38.54
N PRO C 189 -28.50 -1.16 38.88
CA PRO C 189 -27.78 0.12 38.77
C PRO C 189 -26.88 0.51 39.95
N SER C 190 -26.73 -0.36 40.95
CA SER C 190 -25.89 -0.03 42.09
C SER C 190 -24.44 0.33 41.69
N GLN C 191 -23.87 -0.36 40.69
CA GLN C 191 -22.63 0.06 40.13
C GLN C 191 -22.94 0.68 38.76
N SER C 192 -22.14 1.66 38.41
CA SER C 192 -22.37 2.36 37.16
C SER C 192 -21.80 1.56 35.97
N ILE C 193 -22.44 1.76 34.81
CA ILE C 193 -22.04 1.13 33.58
C ILE C 193 -22.12 2.21 32.50
N THR C 194 -21.00 2.41 31.86
CA THR C 194 -20.81 3.48 30.89
C THR C 194 -20.26 2.93 29.63
N CYS C 195 -20.81 3.23 28.45
CA CYS C 195 -20.11 2.89 27.22
CA CYS C 195 -20.05 2.86 27.29
C CYS C 195 -19.28 4.04 26.75
N ASN C 196 -18.08 3.75 26.35
CA ASN C 196 -17.14 4.75 25.90
C ASN C 196 -16.98 4.53 24.38
N VAL C 197 -17.31 5.53 23.59
CA VAL C 197 -17.23 5.43 22.16
C VAL C 197 -16.20 6.46 21.61
N ALA C 198 -15.42 6.04 20.65
CA ALA C 198 -14.59 6.99 19.88
C ALA C 198 -14.74 6.79 18.40
N HIS C 199 -14.81 7.92 17.67
CA HIS C 199 -14.87 7.93 16.22
C HIS C 199 -13.82 8.92 15.77
N PRO C 200 -12.58 8.43 15.60
CA PRO C 200 -11.49 9.33 15.36
C PRO C 200 -11.70 10.24 14.14
N ALA C 201 -12.40 9.79 13.11
CA ALA C 201 -12.59 10.62 11.88
C ALA C 201 -13.24 11.98 12.22
N SER C 202 -14.15 12.04 13.21
CA SER C 202 -14.84 13.23 13.54
C SER C 202 -14.35 13.81 14.90
N SER C 203 -13.27 13.27 15.45
CA SER C 203 -12.79 13.60 16.80
C SER C 203 -13.83 13.42 17.87
N THR C 204 -14.75 12.46 17.68
CA THR C 204 -15.79 12.27 18.68
C THR C 204 -15.32 11.31 19.77
N LYS C 205 -15.53 11.69 21.01
CA LYS C 205 -15.25 10.87 22.19
C LYS C 205 -16.47 11.06 23.06
N VAL C 206 -17.26 9.99 23.32
CA VAL C 206 -18.43 10.07 24.18
C VAL C 206 -18.38 8.98 25.24
N ASP C 207 -18.80 9.34 26.46
CA ASP C 207 -18.94 8.37 27.56
C ASP C 207 -20.36 8.42 27.95
N LYS C 208 -21.14 7.42 27.55
CA LYS C 208 -22.53 7.43 27.85
C LYS C 208 -22.92 6.55 28.98
N LYS C 209 -23.36 7.15 30.06
CA LYS C 209 -23.79 6.42 31.18
C LYS C 209 -25.13 5.70 30.91
N ILE C 210 -25.24 4.43 31.31
CA ILE C 210 -26.54 3.76 31.23
C ILE C 210 -27.33 3.96 32.51
N GLU C 211 -28.41 4.69 32.42
CA GLU C 211 -29.29 5.01 33.55
C GLU C 211 -30.66 4.38 33.53
N PRO C 212 -31.23 4.04 34.72
CA PRO C 212 -32.67 3.79 34.72
C PRO C 212 -33.48 4.84 33.90
N ARG C 213 -34.36 4.34 33.04
N ARG C 213 -34.52 4.41 33.20
CA ARG C 213 -35.20 5.17 32.13
CA ARG C 213 -35.31 5.31 32.34
C ARG C 213 -35.89 6.35 32.87
C ARG C 213 -36.29 6.21 33.12
N ASP D 1 -23.27 -18.99 -17.65
CA ASP D 1 -22.16 -19.14 -16.66
C ASP D 1 -22.27 -20.51 -16.04
N VAL D 2 -21.12 -21.07 -15.61
CA VAL D 2 -21.12 -22.34 -14.99
C VAL D 2 -21.35 -22.16 -13.51
N VAL D 3 -22.43 -22.72 -13.02
CA VAL D 3 -22.89 -22.54 -11.66
C VAL D 3 -22.20 -23.60 -10.80
N MET D 4 -21.58 -23.16 -9.74
CA MET D 4 -20.95 -23.98 -8.78
C MET D 4 -21.78 -24.09 -7.51
N THR D 5 -22.21 -25.28 -7.20
CA THR D 5 -23.11 -25.51 -6.03
C THR D 5 -22.40 -26.31 -4.95
N GLN D 6 -22.17 -25.67 -3.78
CA GLN D 6 -21.48 -26.28 -2.70
C GLN D 6 -22.44 -26.73 -1.67
N THR D 7 -22.20 -27.86 -1.03
CA THR D 7 -23.03 -28.32 0.05
C THR D 7 -22.24 -29.14 1.10
N PRO D 8 -22.55 -28.91 2.38
CA PRO D 8 -23.45 -27.92 2.92
C PRO D 8 -22.82 -26.59 2.93
N LEU D 9 -23.59 -25.57 3.26
CA LEU D 9 -23.10 -24.18 3.35
C LEU D 9 -22.55 -23.77 4.73
N SER D 10 -23.03 -24.50 5.74
CA SER D 10 -22.45 -24.44 7.08
C SER D 10 -22.13 -25.84 7.47
N LEU D 11 -20.91 -26.09 7.96
CA LEU D 11 -20.51 -27.39 8.36
C LEU D 11 -19.92 -27.40 9.77
N PRO D 12 -20.79 -27.60 10.79
CA PRO D 12 -20.30 -27.76 12.13
C PRO D 12 -19.67 -29.16 12.33
N VAL D 13 -18.46 -29.12 12.90
CA VAL D 13 -17.72 -30.32 13.23
C VAL D 13 -17.20 -30.23 14.63
N SER D 14 -16.84 -31.38 15.18
CA SER D 14 -15.96 -31.30 16.37
C SER D 14 -14.55 -31.41 15.90
N LEU D 15 -13.66 -30.82 16.67
CA LEU D 15 -12.28 -30.93 16.34
C LEU D 15 -11.88 -32.39 16.34
N GLY D 16 -11.04 -32.75 15.36
CA GLY D 16 -10.65 -34.17 15.17
C GLY D 16 -11.53 -35.03 14.29
N ASP D 17 -12.72 -34.52 13.95
CA ASP D 17 -13.68 -35.22 13.09
C ASP D 17 -13.16 -35.09 11.65
N GLN D 18 -13.65 -35.97 10.78
CA GLN D 18 -13.53 -35.80 9.34
C GLN D 18 -14.56 -34.78 8.90
N ALA D 19 -14.17 -33.93 7.92
CA ALA D 19 -15.12 -33.08 7.25
C ALA D 19 -15.07 -33.36 5.75
N SER D 20 -16.23 -33.18 5.11
CA SER D 20 -16.34 -33.35 3.66
C SER D 20 -17.20 -32.26 3.12
N ILE D 21 -16.75 -31.63 2.03
CA ILE D 21 -17.52 -30.55 1.32
C ILE D 21 -17.65 -30.96 -0.11
N SER D 22 -18.88 -30.90 -0.56
CA SER D 22 -19.26 -31.26 -1.96
C SER D 22 -19.28 -29.97 -2.81
N CYS D 23 -18.79 -30.05 -4.06
CA CYS D 23 -18.98 -29.03 -4.99
C CYS D 23 -19.36 -29.61 -6.30
N ARG D 24 -20.46 -29.16 -6.88
CA ARG D 24 -20.99 -29.69 -8.15
C ARG D 24 -21.07 -28.54 -9.14
N SER D 25 -20.60 -28.76 -10.33
CA SER D 25 -20.67 -27.79 -11.37
CA SER D 25 -20.65 -27.80 -11.36
C SER D 25 -21.80 -28.11 -12.33
N SER D 26 -22.32 -27.07 -12.97
CA SER D 26 -23.45 -27.30 -13.93
C SER D 26 -22.99 -27.85 -15.28
N GLN D 27 -21.72 -27.70 -15.61
CA GLN D 27 -21.13 -28.32 -16.82
C GLN D 27 -19.86 -29.02 -16.44
N SER D 28 -19.42 -30.04 -17.18
CA SER D 28 -18.14 -30.64 -16.94
C SER D 28 -17.00 -29.62 -16.97
N LEU D 29 -16.08 -29.83 -16.08
CA LEU D 29 -14.92 -28.94 -15.96
C LEU D 29 -13.69 -29.50 -16.68
N VAL D 30 -13.87 -30.62 -17.41
CA VAL D 30 -12.70 -31.13 -18.15
C VAL D 30 -12.47 -30.24 -19.37
N HIS D 31 -11.32 -29.61 -19.43
CA HIS D 31 -10.91 -28.74 -20.52
C HIS D 31 -10.42 -29.56 -21.73
N ARG D 32 -10.58 -28.98 -22.92
CA ARG D 32 -10.02 -29.62 -24.16
C ARG D 32 -8.54 -29.88 -24.05
N ASN D 33 -7.79 -29.09 -23.27
CA ASN D 33 -6.39 -29.40 -23.03
C ASN D 33 -6.08 -30.54 -22.07
N GLY D 34 -7.11 -31.13 -21.49
CA GLY D 34 -6.96 -32.28 -20.64
C GLY D 34 -7.00 -32.05 -19.13
N ASN D 35 -6.73 -30.82 -18.73
CA ASN D 35 -6.81 -30.42 -17.32
C ASN D 35 -8.29 -30.24 -16.87
N THR D 36 -8.48 -30.41 -15.54
CA THR D 36 -9.74 -30.09 -14.91
C THR D 36 -9.50 -28.97 -13.97
N TYR D 37 -10.06 -27.79 -14.27
CA TYR D 37 -9.76 -26.53 -13.53
C TYR D 37 -10.77 -26.29 -12.44
N LEU D 38 -10.65 -27.12 -11.43
CA LEU D 38 -11.49 -27.10 -10.24
C LEU D 38 -10.54 -26.85 -9.10
N HIS D 39 -10.73 -25.71 -8.39
CA HIS D 39 -9.86 -25.29 -7.30
C HIS D 39 -10.62 -25.03 -6.03
N TRP D 40 -9.92 -25.15 -4.88
CA TRP D 40 -10.48 -24.83 -3.62
C TRP D 40 -9.63 -23.75 -2.94
N TYR D 41 -10.31 -22.76 -2.36
CA TYR D 41 -9.67 -21.73 -1.58
C TYR D 41 -10.21 -21.72 -0.16
N LEU D 42 -9.38 -21.26 0.77
CA LEU D 42 -9.77 -21.19 2.18
C LEU D 42 -9.53 -19.73 2.54
N GLN D 43 -10.55 -19.13 3.12
CA GLN D 43 -10.49 -17.78 3.70
C GLN D 43 -10.74 -17.82 5.20
N LYS D 44 -9.72 -17.40 5.94
CA LYS D 44 -9.82 -17.19 7.38
C LYS D 44 -10.32 -15.73 7.62
N PRO D 45 -11.08 -15.48 8.70
CA PRO D 45 -11.75 -14.17 8.92
C PRO D 45 -10.80 -13.00 8.86
N GLY D 46 -11.16 -12.01 8.01
CA GLY D 46 -10.36 -10.82 7.72
C GLY D 46 -9.02 -11.01 7.01
N GLN D 47 -8.76 -12.22 6.49
CA GLN D 47 -7.60 -12.47 5.65
C GLN D 47 -8.13 -12.64 4.20
N SER D 48 -7.24 -12.52 3.25
CA SER D 48 -7.58 -12.81 1.87
CA SER D 48 -7.53 -12.81 1.87
C SER D 48 -7.79 -14.33 1.76
N PRO D 49 -8.65 -14.73 0.83
CA PRO D 49 -8.61 -16.14 0.49
C PRO D 49 -7.19 -16.61 0.08
N LYS D 50 -6.91 -17.88 0.29
CA LYS D 50 -5.65 -18.52 -0.14
C LYS D 50 -5.98 -19.79 -0.96
N LEU D 51 -5.20 -20.06 -2.00
CA LEU D 51 -5.29 -21.34 -2.70
C LEU D 51 -4.96 -22.51 -1.78
N LEU D 52 -5.89 -23.43 -1.70
CA LEU D 52 -5.70 -24.67 -0.98
C LEU D 52 -5.35 -25.85 -1.89
N ILE D 53 -6.22 -26.13 -2.88
CA ILE D 53 -6.07 -27.23 -3.84
C ILE D 53 -6.33 -26.65 -5.25
N HIS D 54 -5.41 -26.94 -6.21
CA HIS D 54 -5.64 -26.58 -7.57
C HIS D 54 -5.80 -27.85 -8.42
N LYS D 55 -6.55 -27.69 -9.49
CA LYS D 55 -6.75 -28.72 -10.48
C LYS D 55 -7.11 -30.06 -9.76
N VAL D 56 -8.20 -29.97 -9.04
CA VAL D 56 -8.89 -31.05 -8.34
C VAL D 56 -8.19 -31.52 -7.11
N SER D 57 -6.91 -31.77 -7.22
CA SER D 57 -6.30 -32.61 -6.20
C SER D 57 -4.89 -32.20 -5.86
N ASN D 58 -4.37 -31.12 -6.39
CA ASN D 58 -2.96 -30.75 -6.12
C ASN D 58 -2.91 -29.78 -4.94
N ARG D 59 -2.33 -30.18 -3.80
CA ARG D 59 -2.20 -29.27 -2.69
C ARG D 59 -1.22 -28.19 -3.03
N PHE D 60 -1.59 -26.96 -2.74
CA PHE D 60 -0.72 -25.82 -2.90
C PHE D 60 0.34 -25.76 -1.80
N SER D 61 1.26 -24.83 -1.94
CA SER D 61 2.36 -24.68 -1.00
C SER D 61 1.89 -24.41 0.40
N GLY D 62 2.51 -25.15 1.34
CA GLY D 62 2.18 -25.06 2.76
C GLY D 62 0.87 -25.68 3.23
N VAL D 63 0.11 -26.26 2.33
CA VAL D 63 -1.14 -26.90 2.69
C VAL D 63 -0.83 -28.30 3.25
N PRO D 64 -1.34 -28.60 4.44
CA PRO D 64 -1.01 -29.88 5.05
C PRO D 64 -1.74 -31.00 4.41
N ASP D 65 -1.20 -32.17 4.68
CA ASP D 65 -1.66 -33.37 3.99
C ASP D 65 -2.97 -33.95 4.51
N ARG D 66 -3.57 -33.29 5.51
CA ARG D 66 -4.88 -33.66 5.92
C ARG D 66 -5.98 -33.18 4.92
N PHE D 67 -5.60 -32.31 4.00
CA PHE D 67 -6.51 -31.81 2.97
C PHE D 67 -6.34 -32.65 1.74
N SER D 68 -7.44 -33.18 1.24
CA SER D 68 -7.42 -33.84 -0.04
C SER D 68 -8.60 -33.51 -0.93
N GLY D 69 -8.32 -33.31 -2.21
CA GLY D 69 -9.36 -33.01 -3.16
C GLY D 69 -9.53 -34.19 -4.09
N SER D 70 -10.77 -34.46 -4.44
CA SER D 70 -11.06 -35.53 -5.37
C SER D 70 -12.28 -35.23 -6.21
N GLY D 71 -12.74 -36.19 -7.04
CA GLY D 71 -13.79 -35.94 -8.00
C GLY D 71 -13.37 -35.87 -9.46
N SER D 72 -14.41 -35.79 -10.29
CA SER D 72 -14.20 -35.54 -11.72
C SER D 72 -15.43 -35.09 -12.36
N GLY D 73 -15.25 -34.54 -13.57
CA GLY D 73 -16.38 -34.12 -14.37
C GLY D 73 -17.11 -32.92 -13.82
N THR D 74 -18.24 -33.23 -13.18
CA THR D 74 -19.02 -32.21 -12.50
C THR D 74 -19.09 -32.34 -10.98
N ASP D 75 -18.51 -33.38 -10.41
CA ASP D 75 -18.76 -33.75 -9.02
C ASP D 75 -17.42 -33.81 -8.33
N PHE D 76 -17.23 -32.91 -7.37
CA PHE D 76 -15.96 -32.78 -6.61
C PHE D 76 -16.14 -32.78 -5.10
N THR D 77 -15.09 -33.18 -4.34
CA THR D 77 -15.16 -33.25 -2.92
C THR D 77 -13.84 -32.78 -2.30
N LEU D 78 -13.94 -31.91 -1.30
CA LEU D 78 -12.79 -31.59 -0.46
C LEU D 78 -12.96 -32.35 0.86
N LYS D 79 -11.92 -33.12 1.26
CA LYS D 79 -11.97 -33.89 2.51
C LYS D 79 -10.88 -33.29 3.44
N ILE D 80 -11.23 -33.08 4.68
CA ILE D 80 -10.30 -32.71 5.70
C ILE D 80 -10.31 -33.84 6.67
N SER D 81 -9.19 -34.53 6.79
CA SER D 81 -9.07 -35.54 7.82
C SER D 81 -8.65 -34.80 9.17
N ARG D 82 -9.33 -35.10 10.23
CA ARG D 82 -8.99 -34.74 11.56
C ARG D 82 -8.95 -33.21 11.59
N VAL D 83 -10.11 -32.58 11.56
CA VAL D 83 -10.19 -31.10 11.49
C VAL D 83 -9.45 -30.50 12.70
N GLU D 84 -8.61 -29.51 12.41
CA GLU D 84 -7.88 -28.74 13.44
C GLU D 84 -8.44 -27.36 13.59
N ALA D 85 -8.08 -26.67 14.69
CA ALA D 85 -8.55 -25.32 14.92
C ALA D 85 -8.17 -24.38 13.76
N GLU D 86 -6.97 -24.57 13.22
CA GLU D 86 -6.51 -23.63 12.13
C GLU D 86 -7.24 -23.80 10.81
N ASP D 87 -8.07 -24.84 10.71
CA ASP D 87 -8.82 -25.17 9.49
C ASP D 87 -10.14 -24.41 9.46
N LEU D 88 -10.62 -23.86 10.55
CA LEU D 88 -11.94 -23.26 10.56
C LEU D 88 -11.89 -21.96 9.71
N GLY D 89 -12.92 -21.75 8.91
CA GLY D 89 -12.93 -20.66 7.97
C GLY D 89 -13.92 -20.99 6.90
N VAL D 90 -13.84 -20.26 5.77
CA VAL D 90 -14.74 -20.46 4.68
C VAL D 90 -14.00 -21.03 3.49
N TYR D 91 -14.53 -22.16 3.00
CA TYR D 91 -13.96 -22.85 1.83
C TYR D 91 -14.78 -22.58 0.60
N PHE D 92 -14.16 -22.14 -0.46
CA PHE D 92 -14.84 -21.90 -1.72
C PHE D 92 -14.30 -22.79 -2.79
N CYS D 93 -15.19 -23.45 -3.58
CA CYS D 93 -14.77 -24.08 -4.85
C CYS D 93 -14.85 -23.07 -5.94
N SER D 94 -14.08 -23.27 -7.00
CA SER D 94 -14.05 -22.39 -8.12
C SER D 94 -13.76 -23.17 -9.40
N GLN D 95 -14.34 -22.76 -10.55
CA GLN D 95 -13.92 -23.34 -11.81
C GLN D 95 -13.30 -22.29 -12.65
N SER D 96 -12.20 -22.70 -13.32
CA SER D 96 -11.56 -21.84 -14.31
C SER D 96 -11.41 -22.51 -15.70
N THR D 97 -12.30 -23.46 -15.99
CA THR D 97 -12.31 -24.08 -17.32
C THR D 97 -13.02 -23.24 -18.32
N HIS D 98 -14.16 -22.67 -17.93
CA HIS D 98 -15.05 -21.88 -18.75
C HIS D 98 -14.88 -20.42 -18.34
N VAL D 99 -13.98 -19.74 -19.04
CA VAL D 99 -13.62 -18.39 -18.70
C VAL D 99 -13.67 -17.50 -19.95
N PRO D 100 -14.42 -16.39 -19.91
CA PRO D 100 -15.16 -15.78 -18.84
C PRO D 100 -16.57 -16.36 -18.74
N PRO D 101 -17.18 -16.22 -17.58
CA PRO D 101 -16.61 -15.78 -16.32
C PRO D 101 -16.11 -16.98 -15.52
N LEU D 102 -14.97 -16.77 -14.92
CA LEU D 102 -14.60 -17.61 -13.75
C LEU D 102 -15.67 -17.53 -12.72
N THR D 103 -16.02 -18.66 -12.09
CA THR D 103 -17.09 -18.67 -11.11
C THR D 103 -16.66 -19.40 -9.83
N PHE D 104 -17.33 -19.03 -8.73
CA PHE D 104 -17.10 -19.58 -7.39
C PHE D 104 -18.34 -20.20 -6.84
N GLY D 105 -18.18 -21.19 -5.97
CA GLY D 105 -19.30 -21.58 -5.14
C GLY D 105 -19.50 -20.54 -4.04
N ALA D 106 -20.56 -20.76 -3.30
CA ALA D 106 -21.05 -19.78 -2.35
C ALA D 106 -20.22 -19.70 -1.11
N GLY D 107 -19.46 -20.74 -0.81
CA GLY D 107 -18.68 -20.78 0.40
C GLY D 107 -19.28 -21.70 1.41
N THR D 108 -18.46 -22.53 2.03
CA THR D 108 -18.90 -23.40 3.13
C THR D 108 -18.11 -23.00 4.34
N LYS D 109 -18.82 -22.61 5.41
CA LYS D 109 -18.15 -22.17 6.64
C LYS D 109 -18.01 -23.41 7.56
N LEU D 110 -16.76 -23.80 7.76
CA LEU D 110 -16.39 -24.85 8.67
C LEU D 110 -16.33 -24.25 10.07
N GLU D 111 -17.18 -24.76 10.96
CA GLU D 111 -17.32 -24.20 12.28
C GLU D 111 -17.45 -25.31 13.30
N LEU D 112 -17.60 -24.95 14.56
CA LEU D 112 -17.57 -25.92 15.63
C LEU D 112 -18.93 -26.28 16.14
N LYS D 113 -19.07 -27.54 16.48
CA LYS D 113 -20.28 -28.00 17.11
C LYS D 113 -20.20 -27.78 18.62
N ARG D 114 -21.36 -27.53 19.22
CA ARG D 114 -21.54 -27.51 20.70
C ARG D 114 -22.99 -27.84 20.97
N ALA D 115 -23.32 -27.96 22.25
CA ALA D 115 -24.69 -28.23 22.71
C ALA D 115 -25.57 -27.05 22.29
N ASP D 116 -26.80 -27.36 21.95
CA ASP D 116 -27.79 -26.29 21.64
C ASP D 116 -27.92 -25.39 22.88
N ALA D 117 -28.17 -24.11 22.62
CA ALA D 117 -28.32 -23.10 23.63
C ALA D 117 -29.39 -22.14 23.12
N ALA D 118 -30.48 -21.96 23.83
CA ALA D 118 -31.50 -20.92 23.47
C ALA D 118 -30.91 -19.52 23.63
N PRO D 119 -31.32 -18.60 22.75
CA PRO D 119 -30.86 -17.21 22.90
C PRO D 119 -31.37 -16.51 24.14
N THR D 120 -30.52 -15.67 24.76
CA THR D 120 -30.98 -14.74 25.77
C THR D 120 -31.44 -13.51 25.01
N VAL D 121 -32.72 -13.22 25.04
CA VAL D 121 -33.29 -12.12 24.25
C VAL D 121 -33.56 -10.91 25.20
N SER D 122 -33.18 -9.70 24.76
CA SER D 122 -33.45 -8.46 25.51
C SER D 122 -33.90 -7.42 24.53
N ILE D 123 -34.95 -6.67 24.84
CA ILE D 123 -35.48 -5.61 24.04
C ILE D 123 -35.29 -4.25 24.72
N PHE D 124 -35.06 -3.22 23.92
CA PHE D 124 -34.80 -1.85 24.43
C PHE D 124 -35.58 -0.80 23.65
N PRO D 125 -36.47 -0.07 24.31
CA PRO D 125 -37.12 1.01 23.68
C PRO D 125 -36.13 2.14 23.31
N PRO D 126 -36.58 3.05 22.47
CA PRO D 126 -35.80 4.24 22.18
C PRO D 126 -35.36 4.95 23.42
N SER D 127 -34.15 5.45 23.37
CA SER D 127 -33.70 6.28 24.45
C SER D 127 -34.39 7.65 24.42
N SER D 128 -34.44 8.29 25.60
CA SER D 128 -34.97 9.67 25.66
C SER D 128 -34.17 10.63 24.77
N GLU D 129 -32.88 10.50 24.76
CA GLU D 129 -32.09 11.37 23.89
C GLU D 129 -32.40 11.25 22.43
N GLN D 130 -32.62 10.01 21.95
CA GLN D 130 -32.89 9.86 20.60
C GLN D 130 -34.25 10.42 20.25
N LEU D 131 -35.23 10.10 21.06
CA LEU D 131 -36.59 10.67 20.87
C LEU D 131 -36.60 12.18 20.82
N THR D 132 -35.78 12.83 21.61
CA THR D 132 -35.68 14.28 21.62
C THR D 132 -35.34 14.74 20.22
N SER D 133 -34.42 14.06 19.53
CA SER D 133 -34.00 14.40 18.19
C SER D 133 -34.95 13.96 17.06
N GLY D 134 -36.06 13.27 17.40
CA GLY D 134 -37.04 12.87 16.37
C GLY D 134 -36.93 11.47 15.83
N GLY D 135 -36.04 10.66 16.40
CA GLY D 135 -35.85 9.29 15.96
C GLY D 135 -36.30 8.31 16.97
N ALA D 136 -36.48 7.07 16.56
CA ALA D 136 -36.88 6.04 17.47
C ALA D 136 -36.37 4.73 16.98
N SER D 137 -35.28 4.25 17.55
CA SER D 137 -34.73 2.94 17.27
C SER D 137 -35.06 2.00 18.42
N VAL D 138 -35.57 0.82 18.06
CA VAL D 138 -35.87 -0.22 19.01
C VAL D 138 -34.85 -1.32 18.76
N VAL D 139 -34.20 -1.76 19.83
CA VAL D 139 -33.10 -2.69 19.72
C VAL D 139 -33.41 -3.99 20.39
N CYS D 140 -33.05 -5.09 19.71
CA CYS D 140 -33.16 -6.41 20.28
C CYS D 140 -31.86 -7.14 20.21
N PHE D 141 -31.34 -7.65 21.34
CA PHE D 141 -30.21 -8.55 21.30
C PHE D 141 -30.71 -9.94 21.50
N LEU D 142 -30.10 -10.88 20.75
CA LEU D 142 -30.39 -12.32 20.90
C LEU D 142 -29.00 -12.95 21.04
N ASN D 143 -28.64 -13.29 22.29
CA ASN D 143 -27.26 -13.58 22.62
C ASN D 143 -26.96 -15.00 23.07
N ASN D 144 -25.78 -15.46 22.66
CA ASN D 144 -25.23 -16.74 23.14
C ASN D 144 -26.07 -17.93 22.82
N PHE D 145 -26.45 -18.04 21.55
CA PHE D 145 -27.26 -19.15 21.10
C PHE D 145 -26.51 -20.17 20.21
N TYR D 146 -27.09 -21.36 20.06
CA TYR D 146 -26.54 -22.40 19.20
C TYR D 146 -27.71 -23.31 18.87
N PRO D 147 -27.92 -23.70 17.60
CA PRO D 147 -27.09 -23.47 16.42
C PRO D 147 -27.28 -22.09 15.83
N LYS D 148 -26.60 -21.81 14.74
CA LYS D 148 -26.45 -20.54 14.19
C LYS D 148 -27.69 -19.95 13.56
N ASP D 149 -28.51 -20.77 12.90
CA ASP D 149 -29.67 -20.25 12.21
C ASP D 149 -30.67 -19.76 13.19
N ILE D 150 -31.15 -18.55 12.88
CA ILE D 150 -32.18 -17.93 13.72
C ILE D 150 -32.96 -17.01 12.84
N ASN D 151 -34.25 -16.86 13.14
CA ASN D 151 -35.09 -16.00 12.35
C ASN D 151 -35.76 -14.98 13.27
N VAL D 152 -35.59 -13.71 12.95
CA VAL D 152 -36.08 -12.60 13.84
C VAL D 152 -37.01 -11.71 13.03
N LYS D 153 -38.15 -11.41 13.63
CA LYS D 153 -39.14 -10.55 13.07
C LYS D 153 -39.53 -9.53 14.11
N TRP D 154 -39.85 -8.32 13.64
CA TRP D 154 -40.38 -7.28 14.48
C TRP D 154 -41.89 -7.20 14.26
N LYS D 155 -42.64 -7.16 15.36
CA LYS D 155 -44.11 -6.97 15.31
C LYS D 155 -44.48 -5.71 16.09
N ILE D 156 -45.45 -4.99 15.52
CA ILE D 156 -45.91 -3.76 16.11
C ILE D 156 -47.42 -3.85 16.18
N ASP D 157 -47.91 -3.85 17.41
CA ASP D 157 -49.32 -4.19 17.68
C ASP D 157 -49.77 -5.37 16.83
N GLY D 158 -48.93 -6.41 16.80
CA GLY D 158 -49.20 -7.65 16.10
C GLY D 158 -49.01 -7.79 14.60
N SER D 159 -48.62 -6.74 13.86
CA SER D 159 -48.36 -6.86 12.44
C SER D 159 -46.87 -6.76 12.29
N GLU D 160 -46.32 -7.49 11.33
CA GLU D 160 -44.92 -7.46 11.09
C GLU D 160 -44.52 -6.11 10.51
N ARG D 161 -43.37 -5.61 10.96
CA ARG D 161 -42.74 -4.47 10.33
C ARG D 161 -41.44 -4.98 9.75
N GLN D 162 -41.27 -4.86 8.41
CA GLN D 162 -40.01 -5.17 7.69
C GLN D 162 -39.16 -3.96 7.30
N ASN D 163 -39.76 -2.82 7.07
CA ASN D 163 -39.01 -1.65 6.62
C ASN D 163 -38.11 -1.19 7.76
N GLY D 164 -36.86 -0.85 7.49
CA GLY D 164 -36.07 -0.14 8.44
C GLY D 164 -35.48 -1.00 9.54
N VAL D 165 -35.12 -2.23 9.21
CA VAL D 165 -34.41 -3.15 10.14
C VAL D 165 -32.93 -3.21 9.85
N LEU D 166 -32.08 -3.14 10.86
CA LEU D 166 -30.65 -3.32 10.70
C LEU D 166 -30.20 -4.48 11.57
N ASN D 167 -29.69 -5.53 10.92
CA ASN D 167 -29.26 -6.73 11.61
C ASN D 167 -27.77 -6.91 11.53
N SER D 168 -27.19 -7.42 12.61
CA SER D 168 -25.79 -7.74 12.67
C SER D 168 -25.59 -8.93 13.53
N TRP D 169 -24.57 -9.70 13.18
CA TRP D 169 -24.30 -10.98 13.83
C TRP D 169 -22.81 -11.14 14.10
N THR D 170 -22.47 -11.69 15.26
CA THR D 170 -21.13 -11.99 15.61
C THR D 170 -20.75 -13.35 15.01
N ASP D 171 -19.48 -13.52 14.68
CA ASP D 171 -18.95 -14.83 14.29
C ASP D 171 -19.01 -15.72 15.54
N GLN D 172 -18.81 -17.02 15.34
CA GLN D 172 -18.78 -17.96 16.46
C GLN D 172 -17.83 -17.60 17.55
N ASP D 173 -18.31 -17.51 18.79
CA ASP D 173 -17.46 -17.08 19.86
C ASP D 173 -16.24 -17.99 20.06
N SER D 174 -15.07 -17.39 20.20
CA SER D 174 -13.85 -18.19 20.32
C SER D 174 -13.75 -19.03 21.60
N LYS D 175 -14.43 -18.64 22.68
CA LYS D 175 -14.45 -19.35 23.98
C LYS D 175 -15.64 -20.28 24.20
N ASP D 176 -16.89 -19.89 23.85
CA ASP D 176 -18.01 -20.74 24.18
C ASP D 176 -18.75 -21.25 22.93
N SER D 177 -18.25 -20.88 21.76
CA SER D 177 -18.78 -21.45 20.46
C SER D 177 -20.23 -21.09 20.20
N THR D 178 -20.75 -20.02 20.86
CA THR D 178 -22.09 -19.59 20.57
C THR D 178 -22.07 -18.48 19.54
N TYR D 179 -23.28 -18.09 19.15
CA TYR D 179 -23.48 -16.96 18.23
C TYR D 179 -24.35 -15.91 18.93
N SER D 180 -24.25 -14.66 18.48
CA SER D 180 -25.16 -13.62 18.96
C SER D 180 -25.62 -12.72 17.82
N MET D 181 -26.70 -12.00 18.04
CA MET D 181 -27.30 -11.19 16.98
C MET D 181 -27.88 -9.92 17.61
N SER D 182 -27.82 -8.85 16.84
CA SER D 182 -28.47 -7.61 17.18
C SER D 182 -29.40 -7.20 16.02
N SER D 183 -30.58 -6.82 16.38
CA SER D 183 -31.58 -6.30 15.42
C SER D 183 -32.07 -4.95 15.91
N THR D 184 -32.01 -3.95 15.04
CA THR D 184 -32.51 -2.59 15.35
C THR D 184 -33.54 -2.17 14.34
N LEU D 185 -34.74 -1.84 14.82
CA LEU D 185 -35.78 -1.32 14.02
C LEU D 185 -35.79 0.17 14.20
N THR D 186 -35.68 0.92 13.12
CA THR D 186 -35.67 2.38 13.24
C THR D 186 -36.92 2.97 12.60
N LEU D 187 -37.61 3.75 13.43
CA LEU D 187 -38.79 4.52 13.09
C LEU D 187 -38.48 5.97 13.33
N THR D 188 -39.35 6.84 12.79
CA THR D 188 -39.42 8.22 13.28
C THR D 188 -40.14 8.22 14.62
N LYS D 189 -39.93 9.26 15.38
CA LYS D 189 -40.59 9.44 16.69
C LYS D 189 -42.08 9.49 16.34
N ASP D 190 -42.42 10.22 15.29
CA ASP D 190 -43.83 10.34 14.95
C ASP D 190 -44.50 8.96 14.69
N GLU D 191 -43.83 8.11 13.97
CA GLU D 191 -44.37 6.82 13.74
C GLU D 191 -44.40 5.92 15.01
N TYR D 192 -43.32 5.94 15.73
CA TYR D 192 -43.20 5.19 16.99
C TYR D 192 -44.35 5.48 17.97
N GLU D 193 -44.75 6.75 18.04
CA GLU D 193 -45.75 7.17 19.06
C GLU D 193 -47.22 6.92 18.56
N ARG D 194 -47.37 6.26 17.43
CA ARG D 194 -48.67 5.88 16.90
C ARG D 194 -48.97 4.41 17.12
N HIS D 195 -48.07 3.70 17.78
CA HIS D 195 -48.32 2.32 18.12
C HIS D 195 -48.02 2.07 19.55
N ASN D 196 -48.44 0.90 20.01
CA ASN D 196 -48.44 0.61 21.36
C ASN D 196 -47.41 -0.48 21.74
N SER D 197 -47.58 -1.63 21.14
CA SER D 197 -46.85 -2.86 21.50
C SER D 197 -45.76 -3.17 20.45
N TYR D 198 -44.54 -3.37 20.99
CA TYR D 198 -43.40 -3.68 20.19
C TYR D 198 -42.81 -5.01 20.65
N THR D 199 -42.65 -5.88 19.68
CA THR D 199 -42.15 -7.25 19.88
C THR D 199 -41.02 -7.65 19.00
N CYS D 200 -39.99 -8.17 19.64
CA CYS D 200 -38.87 -8.88 18.98
C CYS D 200 -39.22 -10.36 19.10
N GLU D 201 -39.44 -11.02 17.97
CA GLU D 201 -39.88 -12.41 17.92
C GLU D 201 -38.87 -13.23 17.15
N ALA D 202 -38.40 -14.30 17.80
CA ALA D 202 -37.43 -15.18 17.14
C ALA D 202 -37.92 -16.61 17.07
N THR D 203 -37.57 -17.30 16.00
CA THR D 203 -37.67 -18.74 15.97
C THR D 203 -36.29 -19.34 15.90
N HIS D 204 -36.10 -20.47 16.58
CA HIS D 204 -34.83 -21.10 16.73
C HIS D 204 -35.07 -22.57 17.08
N LYS D 205 -34.11 -23.39 16.78
CA LYS D 205 -34.22 -24.84 17.01
C LYS D 205 -34.63 -25.20 18.42
N THR D 206 -34.11 -24.40 19.34
CA THR D 206 -34.25 -24.69 20.82
C THR D 206 -35.68 -24.68 21.33
N SER D 207 -36.63 -24.19 20.54
CA SER D 207 -38.08 -24.28 20.90
C SER D 207 -38.95 -24.39 19.68
N THR D 208 -39.99 -25.24 19.70
CA THR D 208 -40.89 -25.22 18.60
C THR D 208 -41.80 -23.99 18.56
N SER D 209 -41.88 -23.27 19.70
CA SER D 209 -42.61 -22.01 19.80
C SER D 209 -41.62 -20.84 19.69
N PRO D 210 -42.10 -19.72 19.24
CA PRO D 210 -41.28 -18.48 19.20
C PRO D 210 -40.77 -18.04 20.57
N ILE D 211 -39.63 -17.37 20.59
CA ILE D 211 -39.10 -16.74 21.75
C ILE D 211 -39.41 -15.27 21.56
N VAL D 212 -40.06 -14.64 22.52
CA VAL D 212 -40.46 -13.25 22.33
C VAL D 212 -40.08 -12.38 23.49
N LYS D 213 -39.74 -11.13 23.18
CA LYS D 213 -39.62 -10.11 24.23
C LYS D 213 -40.37 -8.92 23.66
N SER D 214 -41.14 -8.26 24.52
CA SER D 214 -41.97 -7.14 24.06
C SER D 214 -42.02 -6.09 25.12
N PHE D 215 -42.52 -4.93 24.69
CA PHE D 215 -42.91 -3.90 25.67
C PHE D 215 -44.09 -3.14 25.06
N ASN D 216 -44.85 -2.44 25.91
CA ASN D 216 -45.84 -1.46 25.44
C ASN D 216 -45.33 -0.05 25.85
N ARG D 217 -45.41 0.87 24.89
CA ARG D 217 -44.94 2.22 25.08
C ARG D 217 -45.77 2.90 26.20
N ASN D 218 -47.03 2.47 26.39
CA ASN D 218 -47.94 3.09 27.40
C ASN D 218 -47.59 2.78 28.84
#